data_1I7U
#
_entry.id   1I7U
#
_cell.length_a   50.461
_cell.length_b   63.333
_cell.length_c   75.436
_cell.angle_alpha   81.938
_cell.angle_beta   76.444
_cell.angle_gamma   77.938
#
_symmetry.space_group_name_H-M   'P 1'
#
loop_
_entity.id
_entity.type
_entity.pdbx_description
1 polymer 'HLA CLASS I HISTOCOMPATIBILITY ANTIGEN, A-2 ALPHA CHAIN'
2 polymer BETA-2-MICROGLOBULIN
3 polymer '9 RESIDUE PEPTIDE'
4 water water
#
loop_
_entity_poly.entity_id
_entity_poly.type
_entity_poly.pdbx_seq_one_letter_code
_entity_poly.pdbx_strand_id
1 'polypeptide(L)'
;GSHSMRYFFTSVSRPGRGEPRFIAVGYVDDTQFVRFDSDAASQRMEPRAPWIEQEGPEYWDGETRKVKAHSQTHRVDLGT
LRGYYNQSEAGSHTVQRMYGCDVGSDWRFLRGYHQYAYDGKDYIALKEDLRSWTAADMAAQTTKHKWEAAHVAEQLRAYL
EGTCVEWLRRYLENGKETLQRTDAPKTHMTHHAVSDHEATLRCWALSFYPAEITLTWQRDGEDQTQDTELVETRPAGDGT
FQKWAAVVVPSGQEQRYTCHVQHEGLPKPLTLRWE
;
A,D
2 'polypeptide(L)'
;MIQRTPKIQVYSRHPAENGKSNFLNCYVSGFHPSDIEVDLLKNGERIEKVEHSDLSFSKDWSFYLLYYTEFTPTEKDEYA
CRVNHVTLSQPKIVKWDRDM
;
B,E
3 'polypeptide(L)' ALWGFVPVL C,F
#
# COMPACT_ATOMS: atom_id res chain seq x y z
N GLY A 1 -19.26 -12.08 -11.08
CA GLY A 1 -19.29 -12.45 -9.63
C GLY A 1 -17.93 -12.25 -8.99
N SER A 2 -17.84 -12.51 -7.70
CA SER A 2 -16.58 -12.36 -6.98
C SER A 2 -15.68 -13.56 -7.26
N HIS A 3 -14.39 -13.44 -6.93
CA HIS A 3 -13.44 -14.52 -7.17
C HIS A 3 -12.35 -14.54 -6.10
N SER A 4 -11.61 -15.65 -6.02
CA SER A 4 -10.55 -15.77 -5.05
C SER A 4 -9.45 -16.70 -5.52
N MET A 5 -8.25 -16.52 -4.96
CA MET A 5 -7.13 -17.38 -5.23
C MET A 5 -6.61 -17.76 -3.84
N ARG A 6 -6.34 -19.05 -3.64
CA ARG A 6 -5.86 -19.49 -2.33
C ARG A 6 -4.86 -20.63 -2.42
N TYR A 7 -3.86 -20.59 -1.56
CA TYR A 7 -2.85 -21.64 -1.49
C TYR A 7 -2.98 -22.31 -0.12
N PHE A 8 -2.97 -23.63 -0.10
CA PHE A 8 -3.09 -24.43 1.12
C PHE A 8 -1.85 -25.28 1.30
N PHE A 9 -1.25 -25.21 2.48
CA PHE A 9 -0.01 -25.95 2.77
C PHE A 9 -0.17 -26.82 4.01
N THR A 10 0.27 -28.07 3.92
CA THR A 10 0.19 -29.00 5.05
C THR A 10 1.54 -29.68 5.27
N SER A 11 2.07 -29.58 6.49
CA SER A 11 3.35 -30.22 6.80
C SER A 11 3.10 -31.17 7.98
N VAL A 12 3.51 -32.43 7.83
CA VAL A 12 3.29 -33.43 8.89
C VAL A 12 4.57 -34.18 9.26
N SER A 13 4.92 -34.17 10.53
CA SER A 13 6.13 -34.86 10.97
C SER A 13 5.87 -36.36 11.15
N ARG A 14 6.93 -37.14 11.01
CA ARG A 14 6.86 -38.60 11.14
C ARG A 14 8.18 -39.09 11.71
N PRO A 15 8.42 -38.80 12.99
CA PRO A 15 9.65 -39.19 13.71
C PRO A 15 10.08 -40.63 13.42
N GLY A 16 11.37 -40.81 13.12
CA GLY A 16 11.90 -42.12 12.83
C GLY A 16 11.49 -42.65 11.46
N ARG A 17 10.92 -41.78 10.63
CA ARG A 17 10.48 -42.20 9.30
C ARG A 17 10.85 -41.17 8.25
N GLY A 18 11.99 -40.51 8.42
CA GLY A 18 12.43 -39.52 7.47
C GLY A 18 11.91 -38.13 7.81
N GLU A 19 12.11 -37.18 6.91
CA GLU A 19 11.65 -35.82 7.15
C GLU A 19 10.14 -35.69 6.94
N PRO A 20 9.55 -34.62 7.47
CA PRO A 20 8.11 -34.38 7.35
C PRO A 20 7.63 -34.35 5.90
N ARG A 21 6.39 -34.75 5.67
CA ARG A 21 5.84 -34.71 4.33
C ARG A 21 5.19 -33.36 4.16
N PHE A 22 5.38 -32.75 3.00
CA PHE A 22 4.84 -31.43 2.71
C PHE A 22 3.98 -31.49 1.44
N ILE A 23 2.76 -31.00 1.54
CA ILE A 23 1.85 -30.97 0.41
C ILE A 23 1.33 -29.55 0.19
N ALA A 24 1.44 -29.05 -1.03
CA ALA A 24 0.94 -27.71 -1.35
C ALA A 24 -0.04 -27.78 -2.52
N VAL A 25 -1.15 -27.05 -2.41
CA VAL A 25 -2.13 -27.00 -3.48
C VAL A 25 -2.61 -25.56 -3.69
N GLY A 26 -2.92 -25.21 -4.93
CA GLY A 26 -3.40 -23.87 -5.23
C GLY A 26 -4.76 -23.93 -5.90
N TYR A 27 -5.64 -23.00 -5.54
CA TYR A 27 -7.00 -22.94 -6.10
C TYR A 27 -7.40 -21.54 -6.58
N VAL A 28 -8.25 -21.51 -7.61
CA VAL A 28 -8.84 -20.26 -8.09
C VAL A 28 -10.31 -20.63 -7.89
N ASP A 29 -11.01 -19.90 -7.03
CA ASP A 29 -12.39 -20.24 -6.73
C ASP A 29 -12.42 -21.72 -6.31
N ASP A 30 -13.30 -22.53 -6.89
CA ASP A 30 -13.37 -23.95 -6.51
C ASP A 30 -12.63 -24.87 -7.50
N THR A 31 -11.67 -24.33 -8.23
CA THR A 31 -10.92 -25.12 -9.21
C THR A 31 -9.44 -25.21 -8.83
N GLN A 32 -8.93 -26.42 -8.58
CA GLN A 32 -7.52 -26.56 -8.21
C GLN A 32 -6.71 -26.37 -9.49
N PHE A 33 -5.52 -25.79 -9.40
CA PHE A 33 -4.69 -25.61 -10.60
C PHE A 33 -3.23 -26.04 -10.50
N VAL A 34 -2.70 -26.19 -9.28
CA VAL A 34 -1.31 -26.64 -9.09
C VAL A 34 -1.13 -27.47 -7.83
N ARG A 35 -0.03 -28.22 -7.77
CA ARG A 35 0.25 -29.04 -6.59
C ARG A 35 1.75 -29.33 -6.50
N PHE A 36 2.18 -29.68 -5.29
CA PHE A 36 3.56 -30.06 -5.00
C PHE A 36 3.49 -31.07 -3.84
N ASP A 37 4.23 -32.16 -3.96
CA ASP A 37 4.28 -33.19 -2.93
C ASP A 37 5.76 -33.51 -2.68
N SER A 38 6.22 -33.28 -1.47
CA SER A 38 7.63 -33.53 -1.15
C SER A 38 8.06 -34.98 -1.29
N ASP A 39 7.09 -35.91 -1.30
CA ASP A 39 7.41 -37.32 -1.43
C ASP A 39 7.44 -37.80 -2.88
N ALA A 40 6.88 -37.00 -3.78
CA ALA A 40 6.82 -37.36 -5.21
C ALA A 40 8.20 -37.33 -5.87
N ALA A 41 8.30 -38.02 -7.00
CA ALA A 41 9.55 -38.12 -7.73
C ALA A 41 10.00 -36.87 -8.49
N SER A 42 9.07 -36.19 -9.14
CA SER A 42 9.41 -35.01 -9.93
C SER A 42 10.08 -33.86 -9.17
N GLN A 43 9.64 -33.62 -7.94
CA GLN A 43 10.18 -32.54 -7.13
C GLN A 43 9.95 -31.19 -7.82
N ARG A 44 8.80 -31.07 -8.47
CA ARG A 44 8.44 -29.84 -9.15
C ARG A 44 6.97 -29.48 -8.92
N MET A 45 6.65 -28.20 -9.07
CA MET A 45 5.27 -27.77 -8.95
C MET A 45 4.66 -28.31 -10.23
N GLU A 46 3.45 -28.88 -10.14
CA GLU A 46 2.80 -29.47 -11.30
C GLU A 46 1.41 -28.92 -11.59
N PRO A 47 1.02 -28.88 -12.87
CA PRO A 47 -0.29 -28.38 -13.28
C PRO A 47 -1.40 -29.37 -12.94
N ARG A 48 -2.56 -28.86 -12.53
CA ARG A 48 -3.69 -29.72 -12.22
C ARG A 48 -4.98 -29.24 -12.89
N ALA A 49 -4.82 -28.33 -13.84
CA ALA A 49 -5.93 -27.77 -14.61
C ALA A 49 -5.36 -27.47 -16.00
N PRO A 50 -6.15 -27.72 -17.06
CA PRO A 50 -5.69 -27.47 -18.44
C PRO A 50 -5.25 -26.05 -18.76
N TRP A 51 -5.93 -25.05 -18.22
CA TRP A 51 -5.58 -23.67 -18.53
C TRP A 51 -4.24 -23.17 -18.03
N ILE A 52 -3.63 -23.85 -17.07
CA ILE A 52 -2.34 -23.41 -16.54
C ILE A 52 -1.18 -24.14 -17.24
N GLU A 53 -1.50 -25.17 -18.01
CA GLU A 53 -0.47 -25.92 -18.70
C GLU A 53 0.24 -25.09 -19.77
N GLN A 54 -0.40 -24.03 -20.22
CA GLN A 54 0.18 -23.16 -21.24
C GLN A 54 1.25 -22.21 -20.72
N GLU A 55 1.35 -22.04 -19.40
CA GLU A 55 2.37 -21.17 -18.83
C GLU A 55 3.74 -21.73 -19.22
N GLY A 56 4.68 -20.87 -19.55
CA GLY A 56 5.99 -21.35 -19.97
C GLY A 56 6.91 -21.91 -18.89
N PRO A 57 8.12 -22.36 -19.28
CA PRO A 57 9.09 -22.91 -18.34
C PRO A 57 9.53 -21.91 -17.27
N GLU A 58 9.49 -20.62 -17.60
CA GLU A 58 9.89 -19.61 -16.62
C GLU A 58 8.92 -19.69 -15.44
N TYR A 59 7.64 -19.84 -15.74
CA TYR A 59 6.62 -19.94 -14.69
C TYR A 59 6.82 -21.18 -13.83
N TRP A 60 6.93 -22.35 -14.46
CA TRP A 60 7.11 -23.59 -13.71
C TRP A 60 8.42 -23.64 -12.93
N ASP A 61 9.51 -23.13 -13.50
CA ASP A 61 10.78 -23.13 -12.78
C ASP A 61 10.67 -22.20 -11.57
N GLY A 62 10.00 -21.07 -11.76
CA GLY A 62 9.82 -20.11 -10.68
C GLY A 62 8.95 -20.60 -9.55
N GLU A 63 7.83 -21.25 -9.87
CA GLU A 63 6.94 -21.75 -8.83
C GLU A 63 7.56 -22.95 -8.11
N THR A 64 8.37 -23.73 -8.83
CA THR A 64 9.05 -24.88 -8.25
C THR A 64 10.07 -24.38 -7.22
N ARG A 65 10.81 -23.36 -7.59
CA ARG A 65 11.82 -22.79 -6.70
C ARG A 65 11.16 -22.24 -5.43
N LYS A 66 10.09 -21.48 -5.60
CA LYS A 66 9.41 -20.90 -4.45
C LYS A 66 8.72 -21.97 -3.58
N VAL A 67 8.09 -22.96 -4.20
CA VAL A 67 7.40 -23.99 -3.41
C VAL A 67 8.37 -24.85 -2.60
N LYS A 68 9.56 -25.10 -3.12
CA LYS A 68 10.51 -25.90 -2.34
C LYS A 68 11.01 -25.06 -1.16
N ALA A 69 11.00 -23.73 -1.31
CA ALA A 69 11.43 -22.85 -0.22
C ALA A 69 10.36 -22.89 0.87
N HIS A 70 9.09 -22.95 0.45
CA HIS A 70 7.99 -23.04 1.41
C HIS A 70 8.12 -24.37 2.17
N SER A 71 8.36 -25.45 1.43
CA SER A 71 8.50 -26.78 2.02
C SER A 71 9.60 -26.83 3.07
N GLN A 72 10.79 -26.39 2.71
CA GLN A 72 11.91 -26.41 3.65
C GLN A 72 11.61 -25.62 4.91
N THR A 73 10.96 -24.47 4.76
CA THR A 73 10.63 -23.65 5.92
C THR A 73 9.56 -24.26 6.81
N HIS A 74 8.51 -24.79 6.21
CA HIS A 74 7.43 -25.38 7.00
C HIS A 74 7.83 -26.72 7.58
N ARG A 75 8.91 -27.28 7.06
CA ARG A 75 9.44 -28.54 7.57
C ARG A 75 10.13 -28.16 8.88
N VAL A 76 10.88 -27.06 8.84
CA VAL A 76 11.58 -26.56 10.02
C VAL A 76 10.60 -26.01 11.07
N ASP A 77 9.49 -25.42 10.61
CA ASP A 77 8.49 -24.87 11.52
C ASP A 77 7.99 -25.90 12.53
N LEU A 78 7.91 -27.15 12.11
CA LEU A 78 7.47 -28.22 12.99
C LEU A 78 8.42 -28.34 14.18
N GLY A 79 9.72 -28.24 13.90
CA GLY A 79 10.71 -28.32 14.96
C GLY A 79 10.61 -27.14 15.91
N THR A 80 10.39 -25.95 15.36
CA THR A 80 10.28 -24.75 16.16
C THR A 80 9.10 -24.80 17.13
N LEU A 81 7.94 -25.25 16.66
CA LEU A 81 6.78 -25.33 17.53
C LEU A 81 6.89 -26.43 18.59
N ARG A 82 7.54 -27.54 18.23
CA ARG A 82 7.72 -28.62 19.21
C ARG A 82 8.46 -28.02 20.39
N GLY A 83 9.41 -27.14 20.08
CA GLY A 83 10.18 -26.48 21.12
C GLY A 83 9.32 -25.50 21.91
N TYR A 84 8.58 -24.64 21.20
CA TYR A 84 7.71 -23.66 21.86
C TYR A 84 6.78 -24.30 22.87
N TYR A 85 6.24 -25.47 22.53
CA TYR A 85 5.31 -26.16 23.41
C TYR A 85 5.96 -27.25 24.26
N ASN A 86 7.28 -27.38 24.14
CA ASN A 86 8.05 -28.37 24.89
C ASN A 86 7.43 -29.76 24.81
N GLN A 87 7.26 -30.25 23.57
CA GLN A 87 6.68 -31.57 23.32
C GLN A 87 7.78 -32.56 22.98
N SER A 88 7.51 -33.85 23.14
CA SER A 88 8.51 -34.87 22.85
C SER A 88 8.75 -35.05 21.35
N GLU A 89 9.92 -35.57 21.00
CA GLU A 89 10.30 -35.77 19.61
C GLU A 89 9.69 -37.04 19.01
N ALA A 90 8.96 -37.80 19.81
CA ALA A 90 8.37 -39.05 19.34
C ALA A 90 7.05 -38.89 18.59
N GLY A 91 6.25 -37.91 18.99
CA GLY A 91 4.95 -37.72 18.37
C GLY A 91 4.92 -37.03 17.02
N SER A 92 3.85 -37.30 16.27
CA SER A 92 3.65 -36.70 14.94
C SER A 92 2.78 -35.47 15.13
N HIS A 93 3.16 -34.37 14.48
CA HIS A 93 2.39 -33.14 14.59
C HIS A 93 2.10 -32.54 13.21
N THR A 94 1.15 -31.60 13.18
CA THR A 94 0.72 -30.98 11.93
C THR A 94 0.72 -29.46 11.91
N VAL A 95 1.34 -28.89 10.87
CA VAL A 95 1.33 -27.44 10.70
C VAL A 95 0.56 -27.18 9.39
N GLN A 96 -0.39 -26.26 9.44
CA GLN A 96 -1.17 -25.92 8.25
C GLN A 96 -1.06 -24.41 8.03
N ARG A 97 -1.04 -23.99 6.77
CA ARG A 97 -0.94 -22.57 6.41
C ARG A 97 -1.80 -22.30 5.19
N MET A 98 -2.42 -21.13 5.17
CA MET A 98 -3.24 -20.72 4.03
C MET A 98 -3.13 -19.23 3.80
N TYR A 99 -3.03 -18.83 2.54
CA TYR A 99 -3.01 -17.41 2.24
C TYR A 99 -3.58 -17.18 0.87
N GLY A 100 -4.07 -15.98 0.63
CA GLY A 100 -4.67 -15.67 -0.66
C GLY A 100 -5.44 -14.37 -0.64
N CYS A 101 -6.16 -14.10 -1.72
CA CYS A 101 -6.92 -12.87 -1.85
C CYS A 101 -8.29 -13.06 -2.46
N ASP A 102 -9.20 -12.13 -2.14
CA ASP A 102 -10.57 -12.12 -2.65
C ASP A 102 -10.72 -10.85 -3.49
N VAL A 103 -11.47 -10.98 -4.57
CA VAL A 103 -11.71 -9.86 -5.47
C VAL A 103 -13.22 -9.77 -5.71
N GLY A 104 -13.74 -8.55 -5.80
CA GLY A 104 -15.18 -8.39 -6.01
C GLY A 104 -15.62 -8.58 -7.45
N SER A 105 -16.89 -8.31 -7.74
CA SER A 105 -17.41 -8.46 -9.10
C SER A 105 -16.69 -7.51 -10.05
N ASP A 106 -16.09 -6.47 -9.49
CA ASP A 106 -15.35 -5.49 -10.27
C ASP A 106 -13.88 -5.87 -10.42
N TRP A 107 -13.53 -7.04 -9.91
CA TRP A 107 -12.16 -7.54 -10.01
C TRP A 107 -11.12 -6.74 -9.23
N ARG A 108 -11.56 -5.92 -8.28
CA ARG A 108 -10.60 -5.18 -7.45
C ARG A 108 -10.50 -5.83 -6.07
N PHE A 109 -9.35 -5.68 -5.42
CA PHE A 109 -9.08 -6.26 -4.10
C PHE A 109 -10.22 -6.03 -3.10
N LEU A 110 -10.61 -7.09 -2.39
CA LEU A 110 -11.69 -7.04 -1.41
C LEU A 110 -11.19 -7.41 -0.01
N ARG A 111 -10.45 -8.51 0.07
CA ARG A 111 -9.91 -9.00 1.33
C ARG A 111 -8.67 -9.87 1.09
N GLY A 112 -7.85 -10.03 2.14
CA GLY A 112 -6.66 -10.85 2.03
C GLY A 112 -6.56 -11.72 3.26
N TYR A 113 -5.91 -12.89 3.14
CA TYR A 113 -5.76 -13.80 4.28
C TYR A 113 -4.36 -14.41 4.34
N HIS A 114 -3.92 -14.73 5.55
CA HIS A 114 -2.61 -15.36 5.79
C HIS A 114 -2.66 -15.85 7.23
N GLN A 115 -2.92 -17.15 7.39
CA GLN A 115 -3.07 -17.73 8.72
C GLN A 115 -2.50 -19.14 8.86
N TYR A 116 -2.25 -19.55 10.11
CA TYR A 116 -1.69 -20.87 10.43
C TYR A 116 -2.47 -21.59 11.52
N ALA A 117 -2.30 -22.90 11.57
CA ALA A 117 -2.91 -23.75 12.59
C ALA A 117 -1.90 -24.82 12.98
N TYR A 118 -1.83 -25.14 14.27
CA TYR A 118 -0.93 -26.17 14.75
C TYR A 118 -1.80 -27.26 15.36
N ASP A 119 -1.66 -28.48 14.86
CA ASP A 119 -2.47 -29.61 15.31
C ASP A 119 -3.96 -29.26 15.33
N GLY A 120 -4.42 -28.62 14.26
CA GLY A 120 -5.82 -28.28 14.12
C GLY A 120 -6.35 -27.05 14.85
N LYS A 121 -5.50 -26.39 15.64
CA LYS A 121 -5.90 -25.20 16.40
C LYS A 121 -5.31 -23.92 15.80
N ASP A 122 -6.10 -22.86 15.76
CA ASP A 122 -5.63 -21.57 15.25
C ASP A 122 -4.33 -21.22 15.97
N TYR A 123 -3.32 -20.80 15.23
CA TYR A 123 -2.04 -20.42 15.81
C TYR A 123 -1.84 -18.90 15.65
N ILE A 124 -1.77 -18.44 14.40
CA ILE A 124 -1.60 -17.00 14.15
C ILE A 124 -2.29 -16.61 12.85
N ALA A 125 -2.81 -15.38 12.78
CA ALA A 125 -3.50 -14.92 11.59
C ALA A 125 -3.43 -13.41 11.40
N LEU A 126 -3.32 -12.99 10.14
CA LEU A 126 -3.29 -11.58 9.82
C LEU A 126 -4.71 -11.04 9.97
N LYS A 127 -4.87 -9.91 10.63
CA LYS A 127 -6.20 -9.34 10.80
C LYS A 127 -6.65 -8.62 9.53
N GLU A 128 -7.91 -8.23 9.50
CA GLU A 128 -8.49 -7.56 8.34
C GLU A 128 -7.83 -6.24 7.96
N ASP A 129 -7.24 -5.54 8.92
CA ASP A 129 -6.59 -4.27 8.61
C ASP A 129 -5.27 -4.47 7.88
N LEU A 130 -4.89 -5.73 7.69
CA LEU A 130 -3.65 -6.10 7.02
C LEU A 130 -2.41 -5.48 7.66
N ARG A 131 -2.51 -5.12 8.93
CA ARG A 131 -1.38 -4.52 9.62
C ARG A 131 -1.04 -5.19 10.94
N SER A 132 -2.01 -5.86 11.55
CA SER A 132 -1.80 -6.51 12.84
C SER A 132 -2.04 -8.02 12.84
N TRP A 133 -1.58 -8.67 13.92
CA TRP A 133 -1.70 -10.13 14.05
C TRP A 133 -2.52 -10.59 15.25
N THR A 134 -3.21 -11.71 15.07
CA THR A 134 -3.99 -12.32 16.14
C THR A 134 -3.24 -13.57 16.61
N ALA A 135 -2.89 -13.61 17.89
CA ALA A 135 -2.17 -14.74 18.48
C ALA A 135 -2.89 -15.12 19.76
N ALA A 136 -3.33 -16.37 19.85
CA ALA A 136 -4.08 -16.84 21.01
C ALA A 136 -3.25 -17.22 22.24
N ASP A 137 -2.13 -17.92 22.04
CA ASP A 137 -1.33 -18.31 23.19
C ASP A 137 0.06 -17.69 23.26
N MET A 138 0.78 -18.02 24.34
CA MET A 138 2.13 -17.50 24.57
C MET A 138 3.05 -17.79 23.40
N ALA A 139 2.99 -19.01 22.90
CA ALA A 139 3.83 -19.40 21.77
C ALA A 139 3.55 -18.52 20.58
N ALA A 140 2.27 -18.41 20.23
CA ALA A 140 1.88 -17.59 19.10
C ALA A 140 2.43 -16.16 19.23
N GLN A 141 2.40 -15.65 20.46
CA GLN A 141 2.90 -14.30 20.71
C GLN A 141 4.40 -14.16 20.41
N THR A 142 5.15 -15.24 20.57
CA THR A 142 6.58 -15.19 20.28
C THR A 142 6.77 -15.02 18.77
N THR A 143 5.97 -15.73 17.99
CA THR A 143 6.04 -15.61 16.55
C THR A 143 5.58 -14.21 16.16
N LYS A 144 4.51 -13.77 16.79
CA LYS A 144 3.94 -12.45 16.52
C LYS A 144 5.00 -11.36 16.71
N HIS A 145 5.79 -11.45 17.77
CA HIS A 145 6.83 -10.45 18.04
C HIS A 145 7.92 -10.48 16.97
N LYS A 146 8.33 -11.68 16.56
CA LYS A 146 9.36 -11.82 15.52
C LYS A 146 8.90 -11.15 14.24
N TRP A 147 7.64 -11.39 13.86
CA TRP A 147 7.09 -10.83 12.65
C TRP A 147 6.88 -9.32 12.69
N GLU A 148 6.64 -8.78 13.88
CA GLU A 148 6.45 -7.36 14.00
C GLU A 148 7.81 -6.68 13.80
N ALA A 149 8.84 -7.27 14.38
CA ALA A 149 10.20 -6.74 14.28
C ALA A 149 10.74 -6.84 12.86
N ALA A 150 10.31 -7.86 12.12
CA ALA A 150 10.76 -8.07 10.76
C ALA A 150 9.84 -7.42 9.73
N HIS A 151 8.82 -6.72 10.22
CA HIS A 151 7.86 -6.04 9.36
C HIS A 151 7.30 -6.96 8.29
N VAL A 152 6.87 -8.15 8.71
CA VAL A 152 6.32 -9.15 7.80
C VAL A 152 4.97 -8.70 7.22
N ALA A 153 4.12 -8.12 8.06
CA ALA A 153 2.81 -7.67 7.61
C ALA A 153 2.87 -6.73 6.41
N GLU A 154 3.85 -5.81 6.42
CA GLU A 154 3.99 -4.86 5.32
C GLU A 154 4.33 -5.53 4.00
N GLN A 155 5.29 -6.45 4.02
CA GLN A 155 5.69 -7.16 2.82
C GLN A 155 4.51 -8.00 2.33
N LEU A 156 3.84 -8.65 3.27
CA LEU A 156 2.69 -9.48 2.96
C LEU A 156 1.55 -8.67 2.33
N ARG A 157 1.32 -7.46 2.86
CA ARG A 157 0.27 -6.60 2.33
C ARG A 157 0.48 -6.25 0.86
N ALA A 158 1.73 -6.01 0.49
CA ALA A 158 2.07 -5.67 -0.89
C ALA A 158 1.74 -6.84 -1.82
N TYR A 159 1.91 -8.06 -1.29
CA TYR A 159 1.61 -9.26 -2.08
C TYR A 159 0.10 -9.42 -2.22
N LEU A 160 -0.61 -9.34 -1.10
CA LEU A 160 -2.06 -9.53 -1.11
C LEU A 160 -2.85 -8.53 -1.95
N GLU A 161 -2.45 -7.26 -1.91
CA GLU A 161 -3.14 -6.23 -2.67
C GLU A 161 -2.64 -6.05 -4.09
N GLY A 162 -1.40 -6.46 -4.34
CA GLY A 162 -0.83 -6.32 -5.68
C GLY A 162 -0.67 -7.63 -6.42
N THR A 163 0.47 -8.28 -6.21
CA THR A 163 0.80 -9.55 -6.84
C THR A 163 -0.35 -10.58 -6.87
N CYS A 164 -0.94 -10.85 -5.71
CA CYS A 164 -2.02 -11.82 -5.61
C CYS A 164 -3.18 -11.52 -6.55
N VAL A 165 -3.67 -10.28 -6.52
CA VAL A 165 -4.79 -9.89 -7.37
C VAL A 165 -4.41 -9.88 -8.85
N GLU A 166 -3.19 -9.44 -9.14
CA GLU A 166 -2.71 -9.39 -10.53
C GLU A 166 -2.71 -10.78 -11.16
N TRP A 167 -2.18 -11.77 -10.45
CA TRP A 167 -2.16 -13.13 -10.99
C TRP A 167 -3.56 -13.72 -11.08
N LEU A 168 -4.40 -13.43 -10.09
CA LEU A 168 -5.77 -13.93 -10.11
C LEU A 168 -6.45 -13.44 -11.38
N ARG A 169 -6.31 -12.15 -11.67
CA ARG A 169 -6.93 -11.59 -12.88
C ARG A 169 -6.39 -12.28 -14.13
N ARG A 170 -5.08 -12.51 -14.16
CA ARG A 170 -4.47 -13.20 -15.29
C ARG A 170 -5.06 -14.60 -15.48
N TYR A 171 -5.15 -15.36 -14.39
CA TYR A 171 -5.70 -16.71 -14.46
C TYR A 171 -7.15 -16.69 -14.93
N LEU A 172 -7.92 -15.72 -14.43
CA LEU A 172 -9.34 -15.61 -14.80
C LEU A 172 -9.48 -15.39 -16.30
N GLU A 173 -8.59 -14.59 -16.89
CA GLU A 173 -8.66 -14.35 -18.32
C GLU A 173 -8.11 -15.52 -19.14
N ASN A 174 -6.98 -16.09 -18.76
CA ASN A 174 -6.42 -17.22 -19.49
C ASN A 174 -7.29 -18.49 -19.42
N GLY A 175 -7.99 -18.67 -18.30
CA GLY A 175 -8.83 -19.85 -18.18
C GLY A 175 -10.29 -19.46 -18.09
N LYS A 176 -10.66 -18.39 -18.79
CA LYS A 176 -12.04 -17.89 -18.74
C LYS A 176 -13.11 -18.91 -19.12
N GLU A 177 -12.82 -19.80 -20.04
CA GLU A 177 -13.80 -20.79 -20.47
C GLU A 177 -14.31 -21.68 -19.33
N THR A 178 -13.46 -21.91 -18.33
CA THR A 178 -13.87 -22.72 -17.19
C THR A 178 -14.06 -21.91 -15.91
N LEU A 179 -13.16 -20.95 -15.66
CA LEU A 179 -13.24 -20.14 -14.45
C LEU A 179 -14.35 -19.07 -14.45
N GLN A 180 -14.64 -18.51 -15.63
CA GLN A 180 -15.66 -17.48 -15.73
C GLN A 180 -17.00 -18.02 -16.20
N ARG A 181 -17.19 -19.32 -16.08
CA ARG A 181 -18.42 -19.96 -16.49
C ARG A 181 -19.24 -20.43 -15.29
N THR A 182 -20.44 -20.94 -15.55
CA THR A 182 -21.28 -21.50 -14.50
C THR A 182 -22.02 -22.67 -15.10
N ASP A 183 -22.11 -23.76 -14.35
CA ASP A 183 -22.86 -24.94 -14.78
C ASP A 183 -24.06 -25.03 -13.83
N ALA A 184 -25.26 -24.77 -14.35
CA ALA A 184 -26.46 -24.83 -13.52
C ALA A 184 -26.72 -26.28 -13.12
N PRO A 185 -27.29 -26.49 -11.93
CA PRO A 185 -27.54 -27.86 -11.51
C PRO A 185 -28.64 -28.56 -12.32
N LYS A 186 -28.44 -29.85 -12.55
CA LYS A 186 -29.44 -30.66 -13.23
C LYS A 186 -30.14 -31.31 -12.05
N THR A 187 -31.46 -31.14 -11.98
CA THR A 187 -32.24 -31.63 -10.86
C THR A 187 -33.26 -32.73 -11.12
N HIS A 188 -33.60 -33.46 -10.06
CA HIS A 188 -34.61 -34.51 -10.10
C HIS A 188 -34.92 -34.97 -8.66
N MET A 189 -36.03 -35.69 -8.50
CA MET A 189 -36.43 -36.19 -7.18
C MET A 189 -36.60 -37.69 -7.26
N THR A 190 -36.45 -38.36 -6.11
CA THR A 190 -36.65 -39.80 -6.03
C THR A 190 -37.66 -40.00 -4.89
N HIS A 191 -38.43 -41.08 -4.99
CA HIS A 191 -39.45 -41.40 -4.00
C HIS A 191 -39.27 -42.86 -3.60
N HIS A 192 -39.16 -43.11 -2.30
CA HIS A 192 -38.98 -44.48 -1.83
C HIS A 192 -39.79 -44.73 -0.57
N ALA A 193 -40.65 -45.75 -0.63
CA ALA A 193 -41.47 -46.10 0.51
C ALA A 193 -40.61 -46.79 1.56
N VAL A 194 -40.60 -46.27 2.78
CA VAL A 194 -39.82 -46.86 3.85
C VAL A 194 -40.70 -47.79 4.68
N SER A 195 -42.01 -47.63 4.52
CA SER A 195 -43.01 -48.43 5.22
C SER A 195 -44.30 -48.32 4.43
N ASP A 196 -45.42 -48.70 5.05
CA ASP A 196 -46.70 -48.62 4.35
C ASP A 196 -47.44 -47.31 4.63
N HIS A 197 -46.82 -46.40 5.36
CA HIS A 197 -47.43 -45.11 5.66
C HIS A 197 -46.42 -43.98 5.70
N GLU A 198 -45.23 -44.22 5.18
CA GLU A 198 -44.18 -43.21 5.18
C GLU A 198 -43.25 -43.40 3.99
N ALA A 199 -42.83 -42.30 3.37
CA ALA A 199 -41.94 -42.40 2.21
C ALA A 199 -40.91 -41.27 2.20
N THR A 200 -39.75 -41.57 1.63
CA THR A 200 -38.67 -40.60 1.57
C THR A 200 -38.66 -39.87 0.22
N LEU A 201 -38.63 -38.54 0.27
CA LEU A 201 -38.55 -37.73 -0.94
C LEU A 201 -37.14 -37.13 -0.92
N ARG A 202 -36.36 -37.38 -1.96
CA ARG A 202 -34.99 -36.84 -2.01
C ARG A 202 -34.84 -35.93 -3.22
N CYS A 203 -34.37 -34.71 -2.97
CA CYS A 203 -34.18 -33.72 -4.03
C CYS A 203 -32.71 -33.67 -4.40
N TRP A 204 -32.42 -33.85 -5.69
CA TRP A 204 -31.04 -33.88 -6.19
C TRP A 204 -30.59 -32.70 -7.04
N ALA A 205 -29.33 -32.28 -6.83
CA ALA A 205 -28.71 -31.21 -7.61
C ALA A 205 -27.39 -31.82 -8.10
N LEU A 206 -27.24 -31.95 -9.41
CA LEU A 206 -26.04 -32.56 -9.98
C LEU A 206 -25.32 -31.75 -11.07
N SER A 207 -24.03 -32.05 -11.21
CA SER A 207 -23.17 -31.44 -12.23
C SER A 207 -23.16 -29.91 -12.22
N PHE A 208 -23.06 -29.30 -11.03
CA PHE A 208 -23.03 -27.84 -10.98
C PHE A 208 -21.69 -27.23 -10.59
N TYR A 209 -21.51 -25.96 -10.94
CA TYR A 209 -20.29 -25.20 -10.65
C TYR A 209 -20.66 -23.73 -10.71
N PRO A 210 -20.20 -22.92 -9.74
CA PRO A 210 -19.36 -23.29 -8.60
C PRO A 210 -20.11 -24.11 -7.54
N ALA A 211 -19.40 -24.46 -6.48
CA ALA A 211 -19.94 -25.29 -5.41
C ALA A 211 -21.06 -24.68 -4.57
N GLU A 212 -21.04 -23.35 -4.42
CA GLU A 212 -22.05 -22.66 -3.63
C GLU A 212 -23.46 -22.96 -4.11
N ILE A 213 -24.32 -23.39 -3.21
CA ILE A 213 -25.70 -23.72 -3.57
C ILE A 213 -26.60 -23.81 -2.34
N THR A 214 -27.89 -23.58 -2.54
CA THR A 214 -28.85 -23.67 -1.44
C THR A 214 -29.97 -24.62 -1.82
N LEU A 215 -30.16 -25.68 -1.03
CA LEU A 215 -31.20 -26.68 -1.27
C LEU A 215 -32.09 -26.78 -0.04
N THR A 216 -33.39 -26.58 -0.23
CA THR A 216 -34.30 -26.63 0.91
C THR A 216 -35.63 -27.31 0.60
N TRP A 217 -36.28 -27.83 1.64
CA TRP A 217 -37.59 -28.45 1.50
C TRP A 217 -38.56 -27.59 2.30
N GLN A 218 -39.79 -27.45 1.80
CA GLN A 218 -40.81 -26.68 2.49
C GLN A 218 -42.11 -27.49 2.50
N ARG A 219 -42.95 -27.30 3.52
CA ARG A 219 -44.24 -27.97 3.62
C ARG A 219 -45.28 -26.86 3.70
N ASP A 220 -46.20 -26.80 2.74
CA ASP A 220 -47.22 -25.75 2.71
C ASP A 220 -46.54 -24.38 2.72
N GLY A 221 -45.34 -24.32 2.16
CA GLY A 221 -44.61 -23.06 2.10
C GLY A 221 -43.77 -22.70 3.31
N GLU A 222 -43.69 -23.58 4.31
CA GLU A 222 -42.91 -23.30 5.50
C GLU A 222 -41.65 -24.16 5.56
N ASP A 223 -40.54 -23.57 5.98
CA ASP A 223 -39.28 -24.30 6.05
C ASP A 223 -39.33 -25.52 6.96
N GLN A 224 -38.63 -26.56 6.55
CA GLN A 224 -38.59 -27.84 7.26
C GLN A 224 -37.15 -28.19 7.62
N THR A 225 -36.35 -27.16 7.93
CA THR A 225 -34.95 -27.35 8.27
C THR A 225 -34.64 -28.47 9.25
N GLN A 226 -35.35 -28.51 10.37
CA GLN A 226 -35.10 -29.53 11.38
C GLN A 226 -35.53 -30.93 10.98
N ASP A 227 -36.35 -31.04 9.95
CA ASP A 227 -36.81 -32.36 9.51
C ASP A 227 -36.17 -32.76 8.19
N THR A 228 -35.21 -31.96 7.73
CA THR A 228 -34.54 -32.25 6.47
C THR A 228 -33.14 -32.80 6.67
N GLU A 229 -32.82 -33.88 5.98
CA GLU A 229 -31.46 -34.41 6.05
C GLU A 229 -30.75 -33.81 4.85
N LEU A 230 -29.69 -33.05 5.12
CA LEU A 230 -28.93 -32.38 4.07
C LEU A 230 -27.49 -32.86 4.12
N VAL A 231 -26.97 -33.36 3.00
CA VAL A 231 -25.59 -33.81 2.99
C VAL A 231 -24.66 -32.70 2.54
N GLU A 232 -23.39 -32.81 2.90
CA GLU A 232 -22.42 -31.81 2.53
C GLU A 232 -22.22 -31.85 1.01
N THR A 233 -22.02 -30.67 0.41
CA THR A 233 -21.80 -30.58 -1.02
C THR A 233 -20.52 -31.38 -1.31
N ARG A 234 -20.58 -32.24 -2.32
CA ARG A 234 -19.46 -33.11 -2.65
C ARG A 234 -18.97 -33.02 -4.09
N PRO A 235 -17.68 -33.28 -4.31
CA PRO A 235 -17.09 -33.23 -5.65
C PRO A 235 -17.42 -34.47 -6.49
N ALA A 236 -17.77 -34.26 -7.75
CA ALA A 236 -18.10 -35.37 -8.63
C ALA A 236 -16.81 -36.01 -9.17
N GLY A 237 -15.75 -35.21 -9.21
CA GLY A 237 -14.46 -35.70 -9.69
C GLY A 237 -14.11 -35.19 -11.08
N ASP A 238 -15.08 -34.57 -11.73
CA ASP A 238 -14.89 -34.05 -13.07
C ASP A 238 -14.91 -32.52 -13.08
N GLY A 239 -14.79 -31.92 -11.91
CA GLY A 239 -14.82 -30.47 -11.83
C GLY A 239 -16.16 -29.90 -11.40
N THR A 240 -17.17 -30.76 -11.28
CA THR A 240 -18.49 -30.29 -10.86
C THR A 240 -18.82 -30.81 -9.46
N PHE A 241 -19.95 -30.37 -8.93
CA PHE A 241 -20.36 -30.76 -7.58
C PHE A 241 -21.77 -31.35 -7.51
N GLN A 242 -22.09 -31.98 -6.38
CA GLN A 242 -23.39 -32.62 -6.18
C GLN A 242 -23.88 -32.35 -4.76
N LYS A 243 -25.19 -32.46 -4.55
CA LYS A 243 -25.79 -32.28 -3.23
C LYS A 243 -27.24 -32.79 -3.25
N TRP A 244 -27.73 -33.25 -2.11
CA TRP A 244 -29.13 -33.66 -2.02
C TRP A 244 -29.71 -33.36 -0.66
N ALA A 245 -31.03 -33.28 -0.61
CA ALA A 245 -31.76 -33.00 0.62
C ALA A 245 -32.97 -33.92 0.65
N ALA A 246 -33.25 -34.54 1.80
CA ALA A 246 -34.39 -35.45 1.89
C ALA A 246 -35.28 -35.22 3.11
N VAL A 247 -36.53 -35.61 2.96
CA VAL A 247 -37.51 -35.49 4.04
C VAL A 247 -38.38 -36.73 3.97
N VAL A 248 -38.80 -37.23 5.13
CA VAL A 248 -39.66 -38.41 5.19
C VAL A 248 -41.07 -37.85 5.30
N VAL A 249 -41.91 -38.24 4.34
CA VAL A 249 -43.28 -37.75 4.24
C VAL A 249 -44.35 -38.80 4.50
N PRO A 250 -45.43 -38.43 5.22
CA PRO A 250 -46.50 -39.41 5.49
C PRO A 250 -47.13 -39.73 4.13
N SER A 251 -47.25 -41.02 3.79
CA SER A 251 -47.85 -41.39 2.51
C SER A 251 -49.15 -40.64 2.32
N GLY A 252 -49.28 -39.95 1.19
CA GLY A 252 -50.49 -39.18 0.93
C GLY A 252 -50.31 -37.67 0.98
N GLN A 253 -49.22 -37.21 1.59
CA GLN A 253 -48.97 -35.77 1.69
C GLN A 253 -47.88 -35.24 0.75
N GLU A 254 -47.44 -36.07 -0.19
CA GLU A 254 -46.39 -35.67 -1.13
C GLU A 254 -46.60 -34.30 -1.74
N GLN A 255 -47.84 -34.01 -2.15
CA GLN A 255 -48.15 -32.73 -2.77
C GLN A 255 -47.98 -31.49 -1.90
N ARG A 256 -47.81 -31.67 -0.58
CA ARG A 256 -47.63 -30.52 0.31
C ARG A 256 -46.18 -30.02 0.31
N TYR A 257 -45.27 -30.86 -0.16
CA TYR A 257 -43.84 -30.51 -0.12
C TYR A 257 -43.27 -29.95 -1.41
N THR A 258 -42.36 -29.00 -1.27
CA THR A 258 -41.68 -28.41 -2.43
C THR A 258 -40.19 -28.29 -2.17
N CYS A 259 -39.39 -28.59 -3.19
CA CYS A 259 -37.94 -28.46 -3.06
C CYS A 259 -37.53 -27.18 -3.76
N HIS A 260 -36.69 -26.38 -3.11
CA HIS A 260 -36.25 -25.12 -3.66
C HIS A 260 -34.74 -25.13 -3.93
N VAL A 261 -34.35 -24.69 -5.12
CA VAL A 261 -32.94 -24.69 -5.50
C VAL A 261 -32.48 -23.30 -5.94
N GLN A 262 -31.40 -22.83 -5.31
CA GLN A 262 -30.81 -21.54 -5.62
C GLN A 262 -29.36 -21.77 -6.04
N HIS A 263 -28.98 -21.24 -7.20
CA HIS A 263 -27.63 -21.38 -7.71
C HIS A 263 -27.35 -20.27 -8.72
N GLU A 264 -26.11 -19.83 -8.78
CA GLU A 264 -25.73 -18.74 -9.70
C GLU A 264 -26.00 -19.05 -11.18
N GLY A 265 -25.97 -20.32 -11.54
CA GLY A 265 -26.20 -20.71 -12.91
C GLY A 265 -27.65 -20.80 -13.33
N LEU A 266 -28.56 -20.56 -12.39
CA LEU A 266 -29.99 -20.62 -12.70
C LEU A 266 -30.53 -19.22 -13.01
N PRO A 267 -31.28 -19.09 -14.10
CA PRO A 267 -31.83 -17.78 -14.46
C PRO A 267 -32.84 -17.31 -13.40
N LYS A 268 -33.39 -18.27 -12.67
CA LYS A 268 -34.37 -18.01 -11.63
C LYS A 268 -34.41 -19.20 -10.66
N PRO A 269 -34.68 -18.95 -9.37
CA PRO A 269 -34.73 -20.05 -8.40
C PRO A 269 -35.73 -21.12 -8.84
N LEU A 270 -35.41 -22.39 -8.60
CA LEU A 270 -36.30 -23.48 -8.98
C LEU A 270 -37.17 -23.94 -7.83
N THR A 271 -38.40 -24.36 -8.15
CA THR A 271 -39.34 -24.88 -7.16
C THR A 271 -39.88 -26.18 -7.74
N LEU A 272 -39.51 -27.29 -7.13
CA LEU A 272 -39.93 -28.61 -7.60
C LEU A 272 -40.92 -29.25 -6.64
N ARG A 273 -41.79 -30.09 -7.20
CA ARG A 273 -42.79 -30.78 -6.41
C ARG A 273 -42.92 -32.18 -6.96
N TRP A 274 -43.26 -33.14 -6.10
CA TRP A 274 -43.45 -34.51 -6.58
C TRP A 274 -44.91 -34.57 -6.98
N GLU A 275 -45.17 -34.82 -8.26
CA GLU A 275 -46.54 -34.87 -8.74
C GLU A 275 -46.63 -35.47 -10.14
N MET B 1 -4.70 -33.82 22.03
CA MET B 1 -4.64 -33.18 20.70
C MET B 1 -5.97 -33.32 19.99
N ILE B 2 -6.30 -32.36 19.13
CA ILE B 2 -7.56 -32.38 18.39
C ILE B 2 -7.66 -33.61 17.50
N GLN B 3 -8.85 -34.21 17.48
CA GLN B 3 -9.12 -35.37 16.65
C GLN B 3 -10.57 -35.22 16.18
N ARG B 4 -10.78 -35.26 14.86
CA ARG B 4 -12.13 -35.14 14.30
C ARG B 4 -12.38 -36.32 13.38
N THR B 5 -13.56 -36.93 13.52
CA THR B 5 -13.93 -38.09 12.73
C THR B 5 -14.32 -37.74 11.30
N PRO B 6 -13.90 -38.57 10.33
CA PRO B 6 -14.24 -38.26 8.94
C PRO B 6 -15.69 -38.57 8.58
N LYS B 7 -16.28 -37.69 7.77
CA LYS B 7 -17.63 -37.91 7.28
C LYS B 7 -17.32 -38.72 6.04
N ILE B 8 -18.20 -39.65 5.67
CA ILE B 8 -17.95 -40.51 4.52
C ILE B 8 -19.15 -40.61 3.57
N GLN B 9 -18.90 -40.40 2.28
CA GLN B 9 -19.96 -40.53 1.27
C GLN B 9 -19.42 -41.39 0.12
N VAL B 10 -20.19 -42.41 -0.28
CA VAL B 10 -19.79 -43.29 -1.38
C VAL B 10 -20.83 -43.08 -2.48
N TYR B 11 -20.38 -42.73 -3.68
CA TYR B 11 -21.30 -42.44 -4.77
C TYR B 11 -20.63 -42.51 -6.14
N SER B 12 -21.44 -42.45 -7.19
CA SER B 12 -20.89 -42.48 -8.55
C SER B 12 -20.88 -41.08 -9.14
N ARG B 13 -19.96 -40.83 -10.08
CA ARG B 13 -19.84 -39.53 -10.74
C ARG B 13 -21.09 -39.21 -11.54
N HIS B 14 -21.58 -40.19 -12.28
CA HIS B 14 -22.78 -40.05 -13.10
C HIS B 14 -23.85 -40.98 -12.56
N PRO B 15 -25.13 -40.71 -12.88
CA PRO B 15 -26.19 -41.60 -12.39
C PRO B 15 -25.82 -43.01 -12.88
N ALA B 16 -25.97 -44.00 -12.01
CA ALA B 16 -25.62 -45.37 -12.37
C ALA B 16 -26.54 -46.02 -13.39
N GLU B 17 -25.93 -46.56 -14.45
CA GLU B 17 -26.67 -47.27 -15.50
C GLU B 17 -25.88 -48.55 -15.75
N ASN B 18 -26.49 -49.70 -15.52
CA ASN B 18 -25.81 -50.96 -15.72
C ASN B 18 -25.17 -51.07 -17.11
N GLY B 19 -23.94 -51.55 -17.14
CA GLY B 19 -23.23 -51.71 -18.40
C GLY B 19 -22.58 -50.47 -18.98
N LYS B 20 -22.70 -49.32 -18.32
CA LYS B 20 -22.10 -48.10 -18.82
C LYS B 20 -20.97 -47.60 -17.92
N SER B 21 -19.84 -47.23 -18.52
CA SER B 21 -18.66 -46.77 -17.79
C SER B 21 -18.97 -45.60 -16.87
N ASN B 22 -18.28 -45.54 -15.72
CA ASN B 22 -18.55 -44.50 -14.73
C ASN B 22 -17.33 -44.43 -13.80
N PHE B 23 -17.47 -43.68 -12.72
CA PHE B 23 -16.42 -43.58 -11.71
C PHE B 23 -17.06 -43.77 -10.34
N LEU B 24 -16.43 -44.56 -9.49
CA LEU B 24 -16.93 -44.79 -8.14
C LEU B 24 -16.10 -43.90 -7.23
N ASN B 25 -16.79 -43.09 -6.43
CA ASN B 25 -16.11 -42.15 -5.52
C ASN B 25 -16.38 -42.42 -4.05
N CYS B 26 -15.40 -42.05 -3.23
CA CYS B 26 -15.54 -42.10 -1.78
C CYS B 26 -14.90 -40.79 -1.31
N TYR B 27 -15.75 -39.90 -0.78
CA TYR B 27 -15.29 -38.60 -0.32
C TYR B 27 -15.22 -38.61 1.21
N VAL B 28 -14.06 -38.31 1.75
CA VAL B 28 -13.86 -38.26 3.20
C VAL B 28 -13.54 -36.81 3.54
N SER B 29 -14.23 -36.27 4.53
CA SER B 29 -14.02 -34.87 4.91
C SER B 29 -14.24 -34.62 6.39
N GLY B 30 -13.82 -33.43 6.84
CA GLY B 30 -13.99 -33.04 8.23
C GLY B 30 -13.12 -33.76 9.25
N PHE B 31 -12.07 -34.42 8.80
CA PHE B 31 -11.22 -35.16 9.74
C PHE B 31 -9.89 -34.49 10.12
N HIS B 32 -9.29 -34.96 11.20
CA HIS B 32 -8.02 -34.45 11.69
C HIS B 32 -7.53 -35.45 12.73
N PRO B 33 -6.24 -35.85 12.69
CA PRO B 33 -5.17 -35.47 11.77
C PRO B 33 -5.37 -35.99 10.34
N SER B 34 -4.44 -35.70 9.45
CA SER B 34 -4.56 -36.09 8.04
C SER B 34 -4.34 -37.57 7.72
N ASP B 35 -3.70 -38.28 8.64
CA ASP B 35 -3.41 -39.70 8.49
C ASP B 35 -4.74 -40.47 8.28
N ILE B 36 -4.89 -41.15 7.16
CA ILE B 36 -6.14 -41.87 6.92
C ILE B 36 -5.99 -42.98 5.88
N GLU B 37 -6.77 -44.04 6.03
CA GLU B 37 -6.74 -45.17 5.10
C GLU B 37 -8.11 -45.28 4.43
N VAL B 38 -8.14 -45.26 3.10
CA VAL B 38 -9.39 -45.39 2.37
C VAL B 38 -9.29 -46.42 1.27
N ASP B 39 -10.21 -47.39 1.28
CA ASP B 39 -10.23 -48.42 0.26
C ASP B 39 -11.61 -48.54 -0.35
N LEU B 40 -11.66 -48.90 -1.63
CA LEU B 40 -12.93 -49.11 -2.31
C LEU B 40 -13.00 -50.62 -2.48
N LEU B 41 -14.17 -51.20 -2.23
CA LEU B 41 -14.33 -52.65 -2.32
C LEU B 41 -15.37 -53.08 -3.35
N LYS B 42 -15.08 -54.17 -4.05
CA LYS B 42 -15.99 -54.74 -5.04
C LYS B 42 -16.32 -56.15 -4.53
N ASN B 43 -17.58 -56.34 -4.13
CA ASN B 43 -18.02 -57.62 -3.59
C ASN B 43 -17.09 -58.08 -2.47
N GLY B 44 -16.64 -57.14 -1.65
CA GLY B 44 -15.79 -57.48 -0.53
C GLY B 44 -14.28 -57.44 -0.70
N GLU B 45 -13.79 -57.43 -1.92
CA GLU B 45 -12.35 -57.40 -2.10
C GLU B 45 -11.86 -56.01 -2.46
N ARG B 46 -10.62 -55.71 -2.07
CA ARG B 46 -10.03 -54.40 -2.31
C ARG B 46 -9.70 -54.16 -3.78
N ILE B 47 -10.15 -53.02 -4.31
CA ILE B 47 -9.86 -52.63 -5.69
C ILE B 47 -8.45 -52.03 -5.66
N GLU B 48 -7.58 -52.48 -6.57
CA GLU B 48 -6.21 -51.97 -6.58
C GLU B 48 -5.95 -50.68 -7.35
N LYS B 49 -6.73 -50.43 -8.39
CA LYS B 49 -6.52 -49.22 -9.17
C LYS B 49 -7.31 -48.03 -8.63
N VAL B 50 -6.95 -47.55 -7.44
CA VAL B 50 -7.63 -46.42 -6.83
C VAL B 50 -6.70 -45.21 -6.67
N GLU B 51 -7.17 -44.06 -7.14
CA GLU B 51 -6.39 -42.83 -7.04
C GLU B 51 -7.10 -41.89 -6.07
N HIS B 52 -6.42 -40.82 -5.68
CA HIS B 52 -7.01 -39.85 -4.77
C HIS B 52 -6.50 -38.43 -5.06
N SER B 53 -7.29 -37.45 -4.65
CA SER B 53 -6.96 -36.04 -4.85
C SER B 53 -5.81 -35.64 -3.94
N ASP B 54 -5.22 -34.47 -4.21
CA ASP B 54 -4.11 -33.97 -3.40
C ASP B 54 -4.70 -33.43 -2.10
N LEU B 55 -4.05 -33.76 -0.98
CA LEU B 55 -4.53 -33.32 0.33
C LEU B 55 -4.79 -31.81 0.42
N SER B 56 -6.00 -31.47 0.87
CA SER B 56 -6.39 -30.07 1.06
C SER B 56 -7.27 -29.97 2.31
N PHE B 57 -7.65 -28.76 2.68
CA PHE B 57 -8.47 -28.58 3.87
C PHE B 57 -9.43 -27.41 3.81
N SER B 58 -10.44 -27.44 4.69
CA SER B 58 -11.47 -26.40 4.72
C SER B 58 -11.09 -25.23 5.63
N LYS B 59 -11.94 -24.21 5.62
CA LYS B 59 -11.68 -23.02 6.43
C LYS B 59 -11.47 -23.34 7.92
N ASP B 60 -12.16 -24.36 8.42
CA ASP B 60 -12.01 -24.72 9.82
C ASP B 60 -10.82 -25.66 10.05
N TRP B 61 -9.97 -25.78 9.04
CA TRP B 61 -8.76 -26.61 9.08
C TRP B 61 -8.95 -28.13 8.92
N SER B 62 -10.19 -28.60 8.82
CA SER B 62 -10.40 -30.04 8.66
C SER B 62 -10.04 -30.49 7.23
N PHE B 63 -9.47 -31.68 7.13
CA PHE B 63 -9.02 -32.22 5.83
C PHE B 63 -10.10 -32.89 5.00
N TYR B 64 -9.85 -32.97 3.69
CA TYR B 64 -10.77 -33.65 2.79
C TYR B 64 -9.99 -34.26 1.63
N LEU B 65 -10.46 -35.42 1.17
CA LEU B 65 -9.85 -36.15 0.06
C LEU B 65 -10.92 -36.89 -0.73
N LEU B 66 -10.69 -37.04 -2.03
CA LEU B 66 -11.61 -37.79 -2.88
C LEU B 66 -10.81 -38.98 -3.43
N TYR B 67 -11.29 -40.19 -3.16
CA TYR B 67 -10.67 -41.41 -3.67
C TYR B 67 -11.61 -41.86 -4.79
N TYR B 68 -11.05 -42.35 -5.89
CA TYR B 68 -11.90 -42.73 -7.03
C TYR B 68 -11.26 -43.77 -7.95
N THR B 69 -12.10 -44.46 -8.70
CA THR B 69 -11.65 -45.47 -9.65
C THR B 69 -12.70 -45.68 -10.74
N GLU B 70 -12.26 -46.06 -11.93
CA GLU B 70 -13.18 -46.31 -13.03
C GLU B 70 -13.92 -47.62 -12.76
N PHE B 71 -15.20 -47.66 -13.09
CA PHE B 71 -15.98 -48.88 -12.92
C PHE B 71 -17.24 -48.86 -13.79
N THR B 72 -17.75 -50.06 -14.07
CA THR B 72 -18.97 -50.21 -14.87
C THR B 72 -19.94 -50.98 -13.99
N PRO B 73 -20.94 -50.30 -13.43
CA PRO B 73 -21.93 -50.95 -12.56
C PRO B 73 -22.76 -52.03 -13.25
N THR B 74 -23.08 -53.06 -12.48
CA THR B 74 -23.88 -54.19 -12.92
C THR B 74 -25.04 -54.31 -11.93
N GLU B 75 -26.07 -55.06 -12.29
CA GLU B 75 -27.21 -55.20 -11.39
C GLU B 75 -26.87 -55.96 -10.12
N LYS B 76 -25.94 -56.91 -10.20
CA LYS B 76 -25.58 -57.73 -9.04
C LYS B 76 -24.35 -57.32 -8.23
N ASP B 77 -23.36 -56.70 -8.87
CA ASP B 77 -22.16 -56.31 -8.14
C ASP B 77 -22.44 -55.26 -7.06
N GLU B 78 -21.86 -55.45 -5.88
CA GLU B 78 -22.03 -54.48 -4.80
C GLU B 78 -20.69 -53.84 -4.48
N TYR B 79 -20.71 -52.55 -4.18
CA TYR B 79 -19.51 -51.80 -3.87
C TYR B 79 -19.60 -51.13 -2.50
N ALA B 80 -18.45 -50.74 -1.96
CA ALA B 80 -18.42 -50.08 -0.66
C ALA B 80 -17.09 -49.39 -0.43
N CYS B 81 -17.05 -48.56 0.61
CA CYS B 81 -15.84 -47.85 0.97
C CYS B 81 -15.51 -48.23 2.40
N ARG B 82 -14.23 -48.51 2.65
CA ARG B 82 -13.78 -48.87 4.00
C ARG B 82 -12.78 -47.82 4.46
N VAL B 83 -13.05 -47.23 5.62
CA VAL B 83 -12.19 -46.18 6.14
C VAL B 83 -11.67 -46.45 7.55
N ASN B 84 -10.41 -46.12 7.79
CA ASN B 84 -9.85 -46.27 9.12
C ASN B 84 -9.13 -44.96 9.44
N HIS B 85 -9.23 -44.55 10.70
CA HIS B 85 -8.65 -43.29 11.17
C HIS B 85 -8.51 -43.42 12.69
N VAL B 86 -7.67 -42.60 13.33
CA VAL B 86 -7.50 -42.73 14.78
C VAL B 86 -8.79 -42.58 15.59
N THR B 87 -9.78 -41.90 15.02
CA THR B 87 -11.06 -41.69 15.72
C THR B 87 -12.00 -42.90 15.63
N LEU B 88 -11.61 -43.90 14.86
CA LEU B 88 -12.44 -45.10 14.68
C LEU B 88 -11.83 -46.30 15.36
N SER B 89 -12.57 -46.92 16.27
CA SER B 89 -12.08 -48.08 16.99
C SER B 89 -12.05 -49.30 16.08
N GLN B 90 -12.80 -49.22 14.98
CA GLN B 90 -12.87 -50.32 14.04
C GLN B 90 -13.08 -49.70 12.65
N PRO B 91 -12.57 -50.36 11.60
CA PRO B 91 -12.76 -49.80 10.26
C PRO B 91 -14.25 -49.58 10.01
N LYS B 92 -14.59 -48.45 9.40
CA LYS B 92 -15.98 -48.12 9.12
C LYS B 92 -16.29 -48.44 7.66
N ILE B 93 -17.32 -49.25 7.43
CA ILE B 93 -17.70 -49.63 6.08
C ILE B 93 -19.05 -49.04 5.70
N VAL B 94 -19.09 -48.36 4.55
CA VAL B 94 -20.32 -47.76 4.04
C VAL B 94 -20.58 -48.33 2.65
N LYS B 95 -21.75 -48.92 2.48
CA LYS B 95 -22.12 -49.54 1.22
C LYS B 95 -22.64 -48.52 0.19
N TRP B 96 -22.33 -48.77 -1.07
CA TRP B 96 -22.80 -47.89 -2.13
C TRP B 96 -24.27 -48.17 -2.39
N ASP B 97 -25.07 -47.11 -2.38
CA ASP B 97 -26.49 -47.19 -2.65
C ASP B 97 -26.64 -46.26 -3.84
N ARG B 98 -26.94 -46.80 -5.02
CA ARG B 98 -27.04 -45.95 -6.20
C ARG B 98 -28.06 -44.81 -6.06
N ASP B 99 -28.76 -44.79 -4.93
CA ASP B 99 -29.77 -43.76 -4.66
C ASP B 99 -29.27 -42.73 -3.64
N MET B 100 -27.97 -42.75 -3.35
CA MET B 100 -27.39 -41.82 -2.37
C MET B 100 -26.05 -41.24 -2.82
N ALA C 1 0.05 -17.03 -8.47
CA ALA C 1 1.48 -17.38 -8.18
C ALA C 1 1.79 -17.19 -6.69
N LEU C 2 2.74 -17.97 -6.21
CA LEU C 2 3.15 -17.95 -4.81
C LEU C 2 3.82 -16.65 -4.37
N TRP C 3 3.77 -16.40 -3.06
CA TRP C 3 4.40 -15.22 -2.49
C TRP C 3 5.88 -15.61 -2.42
N GLY C 4 6.74 -14.74 -2.92
CA GLY C 4 8.17 -15.02 -2.95
C GLY C 4 8.93 -14.97 -1.64
N PHE C 5 8.38 -14.32 -0.64
CA PHE C 5 9.02 -14.21 0.67
C PHE C 5 8.37 -15.24 1.58
N VAL C 6 9.17 -16.01 2.31
CA VAL C 6 8.63 -17.02 3.23
C VAL C 6 9.01 -16.72 4.68
N PRO C 7 8.04 -16.27 5.50
CA PRO C 7 8.32 -15.96 6.91
C PRO C 7 8.58 -17.25 7.68
N VAL C 8 9.21 -17.13 8.84
CA VAL C 8 9.52 -18.28 9.67
C VAL C 8 8.87 -18.14 11.05
N LEU C 9 8.23 -19.21 11.53
CA LEU C 9 7.59 -19.19 12.85
C LEU C 9 8.60 -19.07 13.98
N GLY D 1 12.44 8.97 6.65
CA GLY D 1 13.33 9.79 5.80
C GLY D 1 14.13 10.77 6.64
N SER D 2 14.99 11.55 5.98
CA SER D 2 15.82 12.53 6.69
C SER D 2 14.99 13.78 7.00
N HIS D 3 15.50 14.62 7.90
CA HIS D 3 14.80 15.83 8.30
C HIS D 3 15.78 16.95 8.61
N SER D 4 15.25 18.17 8.73
CA SER D 4 16.10 19.32 9.03
C SER D 4 15.32 20.43 9.72
N MET D 5 16.04 21.28 10.44
CA MET D 5 15.44 22.44 11.09
C MET D 5 16.36 23.58 10.69
N ARG D 6 15.77 24.69 10.25
CA ARG D 6 16.58 25.83 9.80
C ARG D 6 15.95 27.16 10.15
N TYR D 7 16.80 28.12 10.54
CA TYR D 7 16.32 29.47 10.84
C TYR D 7 16.97 30.40 9.83
N PHE D 8 16.17 31.30 9.25
CA PHE D 8 16.61 32.25 8.24
C PHE D 8 16.39 33.68 8.75
N PHE D 9 17.43 34.49 8.69
CA PHE D 9 17.37 35.87 9.19
C PHE D 9 17.78 36.86 8.12
N THR D 10 17.00 37.93 7.96
CA THR D 10 17.30 38.97 6.97
C THR D 10 17.23 40.35 7.62
N SER D 11 18.30 41.13 7.50
CA SER D 11 18.35 42.47 8.06
C SER D 11 18.64 43.43 6.91
N VAL D 12 17.82 44.47 6.76
CA VAL D 12 17.99 45.44 5.68
C VAL D 12 17.98 46.89 6.16
N SER D 13 19.04 47.62 5.86
CA SER D 13 19.13 49.02 6.28
C SER D 13 18.30 49.93 5.37
N ARG D 14 17.86 51.05 5.93
CA ARG D 14 17.07 52.03 5.20
C ARG D 14 17.39 53.41 5.75
N PRO D 15 18.60 53.91 5.45
CA PRO D 15 19.08 55.22 5.89
C PRO D 15 18.04 56.33 5.75
N GLY D 16 17.88 57.11 6.82
CA GLY D 16 16.92 58.20 6.81
C GLY D 16 15.48 57.73 6.92
N ARG D 17 15.28 56.45 7.24
CA ARG D 17 13.94 55.90 7.36
C ARG D 17 13.80 55.00 8.59
N GLY D 18 14.50 55.35 9.65
CA GLY D 18 14.43 54.55 10.87
C GLY D 18 15.48 53.46 10.88
N GLU D 19 15.39 52.56 11.86
CA GLU D 19 16.36 51.48 11.97
C GLU D 19 16.05 50.38 10.96
N PRO D 20 17.04 49.52 10.70
CA PRO D 20 16.89 48.41 9.76
C PRO D 20 15.73 47.49 10.07
N ARG D 21 15.11 46.91 9.05
CA ARG D 21 14.02 45.98 9.29
C ARG D 21 14.64 44.61 9.44
N PHE D 22 14.14 43.84 10.40
CA PHE D 22 14.65 42.50 10.66
C PHE D 22 13.52 41.49 10.58
N ILE D 23 13.72 40.44 9.79
CA ILE D 23 12.73 39.38 9.63
C ILE D 23 13.37 38.03 9.93
N ALA D 24 12.72 37.25 10.81
CA ALA D 24 13.23 35.91 11.14
C ALA D 24 12.15 34.86 10.91
N VAL D 25 12.52 33.74 10.30
CA VAL D 25 11.58 32.64 10.08
C VAL D 25 12.25 31.31 10.40
N GLY D 26 11.45 30.37 10.90
CA GLY D 26 11.96 29.05 11.24
C GLY D 26 11.22 27.97 10.48
N TYR D 27 11.96 26.96 10.02
CA TYR D 27 11.38 25.86 9.25
C TYR D 27 11.79 24.48 9.77
N VAL D 28 10.90 23.50 9.62
CA VAL D 28 11.21 22.11 9.91
C VAL D 28 10.92 21.53 8.53
N ASP D 29 11.95 20.98 7.89
CA ASP D 29 11.78 20.47 6.53
C ASP D 29 11.21 21.61 5.69
N ASP D 30 10.12 21.36 4.94
CA ASP D 30 9.54 22.43 4.11
C ASP D 30 8.30 23.08 4.74
N THR D 31 8.20 23.03 6.06
CA THR D 31 7.06 23.60 6.77
C THR D 31 7.51 24.73 7.71
N GLN D 32 7.03 25.94 7.49
CA GLN D 32 7.43 27.06 8.34
C GLN D 32 6.65 26.91 9.65
N PHE D 33 7.26 27.28 10.78
CA PHE D 33 6.54 27.18 12.05
C PHE D 33 6.57 28.42 12.97
N VAL D 34 7.50 29.36 12.73
CA VAL D 34 7.55 30.58 13.53
C VAL D 34 8.05 31.78 12.71
N ARG D 35 7.79 32.98 13.21
CA ARG D 35 8.25 34.19 12.53
C ARG D 35 8.36 35.34 13.52
N PHE D 36 9.14 36.35 13.13
CA PHE D 36 9.32 37.58 13.90
C PHE D 36 9.59 38.68 12.87
N ASP D 37 8.93 39.82 13.05
CA ASP D 37 9.10 40.97 12.16
C ASP D 37 9.30 42.20 13.04
N SER D 38 10.45 42.85 12.92
CA SER D 38 10.74 44.02 13.75
C SER D 38 9.79 45.20 13.53
N ASP D 39 9.09 45.21 12.40
CA ASP D 39 8.15 46.29 12.12
C ASP D 39 6.73 46.02 12.62
N ALA D 40 6.45 44.76 12.94
CA ALA D 40 5.13 44.38 13.43
C ALA D 40 4.82 44.94 14.81
N ALA D 41 3.53 44.98 15.15
CA ALA D 41 3.08 45.52 16.42
C ALA D 41 3.33 44.65 17.65
N SER D 42 3.10 43.35 17.53
CA SER D 42 3.26 42.44 18.66
C SER D 42 4.65 42.42 19.31
N GLN D 43 5.70 42.50 18.48
CA GLN D 43 7.07 42.46 18.99
C GLN D 43 7.33 41.12 19.69
N ARG D 44 6.73 40.05 19.16
CA ARG D 44 6.91 38.72 19.73
C ARG D 44 7.10 37.68 18.65
N MET D 45 7.72 36.56 19.01
CA MET D 45 7.90 35.46 18.06
C MET D 45 6.49 34.92 17.96
N GLU D 46 6.03 34.60 16.75
CA GLU D 46 4.68 34.11 16.54
C GLU D 46 4.60 32.76 15.84
N PRO D 47 3.56 31.96 16.15
CA PRO D 47 3.37 30.64 15.54
C PRO D 47 2.87 30.75 14.11
N ARG D 48 3.35 29.86 13.23
CA ARG D 48 2.90 29.88 11.84
C ARG D 48 2.51 28.47 11.37
N ALA D 49 2.35 27.57 12.33
CA ALA D 49 1.93 26.19 12.08
C ALA D 49 1.11 25.77 13.29
N PRO D 50 0.03 25.01 13.07
CA PRO D 50 -0.82 24.55 14.17
C PRO D 50 -0.15 23.75 15.28
N TRP D 51 0.80 22.87 14.92
CA TRP D 51 1.45 22.04 15.91
C TRP D 51 2.34 22.74 16.94
N ILE D 52 2.76 23.97 16.66
CA ILE D 52 3.62 24.70 17.59
C ILE D 52 2.79 25.61 18.51
N GLU D 53 1.50 25.77 18.20
CA GLU D 53 0.65 26.64 19.00
C GLU D 53 0.44 26.08 20.41
N GLN D 54 0.63 24.78 20.57
CA GLN D 54 0.46 24.13 21.87
C GLN D 54 1.60 24.38 22.86
N GLU D 55 2.75 24.88 22.38
CA GLU D 55 3.87 25.16 23.27
C GLU D 55 3.41 26.21 24.26
N GLY D 56 3.82 26.08 25.52
CA GLY D 56 3.38 27.04 26.53
C GLY D 56 4.01 28.42 26.50
N PRO D 57 3.61 29.30 27.42
CA PRO D 57 4.13 30.67 27.51
C PRO D 57 5.63 30.72 27.78
N GLU D 58 6.16 29.70 28.43
CA GLU D 58 7.60 29.67 28.71
C GLU D 58 8.34 29.64 27.37
N TYR D 59 7.83 28.82 26.45
CA TYR D 59 8.44 28.70 25.12
C TYR D 59 8.38 30.01 24.35
N TRP D 60 7.19 30.59 24.24
CA TRP D 60 7.03 31.84 23.50
C TRP D 60 7.78 33.02 24.13
N ASP D 61 7.81 33.09 25.46
CA ASP D 61 8.54 34.17 26.10
C ASP D 61 10.03 33.99 25.83
N GLY D 62 10.49 32.75 25.90
CA GLY D 62 11.89 32.46 25.66
C GLY D 62 12.34 32.72 24.22
N GLU D 63 11.54 32.33 23.24
CA GLU D 63 11.92 32.54 21.85
C GLU D 63 11.83 34.02 21.48
N THR D 64 10.91 34.75 22.12
CA THR D 64 10.75 36.18 21.87
C THR D 64 11.98 36.90 22.38
N ARG D 65 12.44 36.52 23.57
CA ARG D 65 13.62 37.14 24.16
C ARG D 65 14.85 36.91 23.28
N LYS D 66 15.03 35.66 22.85
CA LYS D 66 16.17 35.32 22.02
C LYS D 66 16.11 35.97 20.64
N VAL D 67 14.93 35.99 20.02
CA VAL D 67 14.81 36.57 18.69
C VAL D 67 15.05 38.08 18.68
N LYS D 68 14.66 38.78 19.74
CA LYS D 68 14.90 40.22 19.76
C LYS D 68 16.41 40.46 19.95
N ALA D 69 17.11 39.52 20.57
CA ALA D 69 18.55 39.64 20.76
C ALA D 69 19.22 39.46 19.40
N HIS D 70 18.68 38.54 18.59
CA HIS D 70 19.22 38.32 17.26
C HIS D 70 19.02 39.60 16.44
N SER D 71 17.80 40.16 16.51
CA SER D 71 17.47 41.37 15.78
C SER D 71 18.41 42.52 16.10
N GLN D 72 18.56 42.82 17.39
CA GLN D 72 19.44 43.91 17.79
C GLN D 72 20.86 43.72 17.29
N THR D 73 21.37 42.50 17.34
CA THR D 73 22.72 42.23 16.90
C THR D 73 22.88 42.34 15.39
N HIS D 74 21.93 41.80 14.63
CA HIS D 74 22.05 41.85 13.18
C HIS D 74 21.73 43.24 12.65
N ARG D 75 21.13 44.07 13.50
CA ARG D 75 20.83 45.43 13.13
C ARG D 75 22.18 46.16 13.21
N VAL D 76 22.93 45.88 14.26
CA VAL D 76 24.25 46.47 14.47
C VAL D 76 25.26 45.92 13.45
N ASP D 77 25.11 44.65 13.06
CA ASP D 77 26.02 44.04 12.08
C ASP D 77 26.10 44.84 10.78
N LEU D 78 24.98 45.45 10.40
CA LEU D 78 24.96 46.25 9.18
C LEU D 78 25.94 47.40 9.31
N GLY D 79 25.97 48.03 10.48
CA GLY D 79 26.89 49.13 10.71
C GLY D 79 28.33 48.68 10.68
N THR D 80 28.60 47.53 11.27
CA THR D 80 29.95 46.98 11.32
C THR D 80 30.50 46.70 9.92
N LEU D 81 29.70 46.10 9.06
CA LEU D 81 30.17 45.80 7.71
C LEU D 81 30.33 47.05 6.84
N ARG D 82 29.46 48.04 7.05
CA ARG D 82 29.58 49.27 6.26
C ARG D 82 30.97 49.82 6.54
N GLY D 83 31.41 49.69 7.79
CA GLY D 83 32.72 50.15 8.17
C GLY D 83 33.82 49.31 7.56
N TYR D 84 33.69 47.99 7.65
CA TYR D 84 34.69 47.06 7.10
C TYR D 84 34.95 47.34 5.63
N TYR D 85 33.90 47.65 4.88
CA TYR D 85 34.03 47.89 3.46
C TYR D 85 34.10 49.38 3.10
N ASN D 86 34.11 50.22 4.12
CA ASN D 86 34.19 51.67 3.95
C ASN D 86 33.19 52.19 2.92
N GLN D 87 31.91 51.89 3.16
CA GLN D 87 30.83 52.30 2.27
C GLN D 87 30.09 53.50 2.88
N SER D 88 29.39 54.26 2.03
CA SER D 88 28.66 55.44 2.52
C SER D 88 27.43 55.08 3.35
N GLU D 89 27.01 56.01 4.19
CA GLU D 89 25.85 55.79 5.06
C GLU D 89 24.52 56.02 4.34
N ALA D 90 24.59 56.40 3.07
CA ALA D 90 23.38 56.68 2.31
C ALA D 90 22.70 55.45 1.70
N GLY D 91 23.51 54.46 1.31
CA GLY D 91 22.95 53.27 0.68
C GLY D 91 22.31 52.23 1.57
N SER D 92 21.42 51.43 0.99
CA SER D 92 20.73 50.36 1.71
C SER D 92 21.51 49.07 1.48
N HIS D 93 21.74 48.31 2.54
CA HIS D 93 22.47 47.06 2.41
C HIS D 93 21.74 45.90 3.09
N THR D 94 22.14 44.68 2.76
CA THR D 94 21.50 43.48 3.28
C THR D 94 22.42 42.46 3.95
N VAL D 95 22.05 42.03 5.16
CA VAL D 95 22.80 40.99 5.85
C VAL D 95 21.85 39.80 5.99
N GLN D 96 22.31 38.61 5.60
CA GLN D 96 21.50 37.40 5.72
C GLN D 96 22.27 36.38 6.53
N ARG D 97 21.55 35.58 7.32
CA ARG D 97 22.16 34.57 8.16
C ARG D 97 21.26 33.34 8.22
N MET D 98 21.87 32.17 8.23
CA MET D 98 21.12 30.92 8.30
C MET D 98 21.88 29.89 9.13
N TYR D 99 21.17 29.16 9.97
CA TYR D 99 21.80 28.11 10.74
C TYR D 99 20.79 27.03 11.05
N GLY D 100 21.29 25.81 11.26
CA GLY D 100 20.40 24.71 11.54
C GLY D 100 21.09 23.37 11.47
N CYS D 101 20.31 22.30 11.56
CA CYS D 101 20.88 20.95 11.53
C CYS D 101 20.09 19.98 10.67
N ASP D 102 20.79 18.94 10.20
CA ASP D 102 20.20 17.87 9.39
C ASP D 102 20.29 16.58 10.20
N VAL D 103 19.27 15.75 10.08
CA VAL D 103 19.23 14.49 10.80
C VAL D 103 18.88 13.40 9.79
N GLY D 104 19.46 12.20 9.94
CA GLY D 104 19.19 11.13 9.00
C GLY D 104 17.87 10.40 9.25
N SER D 105 17.66 9.31 8.53
CA SER D 105 16.43 8.53 8.71
C SER D 105 16.37 7.96 10.12
N ASP D 106 17.52 7.86 10.77
CA ASP D 106 17.62 7.34 12.13
C ASP D 106 17.48 8.48 13.14
N TRP D 107 17.15 9.68 12.63
CA TRP D 107 17.00 10.90 13.43
C TRP D 107 18.28 11.26 14.16
N ARG D 108 19.42 10.90 13.57
CA ARG D 108 20.72 11.18 14.17
C ARG D 108 21.44 12.33 13.47
N PHE D 109 22.14 13.15 14.25
CA PHE D 109 22.86 14.29 13.66
C PHE D 109 23.63 13.84 12.42
N LEU D 110 23.46 14.60 11.34
CA LEU D 110 24.13 14.31 10.07
C LEU D 110 25.05 15.45 9.65
N ARG D 111 24.54 16.67 9.73
CA ARG D 111 25.29 17.87 9.35
C ARG D 111 24.75 19.11 10.04
N GLY D 112 25.57 20.15 10.13
CA GLY D 112 25.15 21.39 10.75
C GLY D 112 25.60 22.57 9.90
N TYR D 113 24.87 23.68 9.97
CA TYR D 113 25.22 24.85 9.17
C TYR D 113 25.09 26.15 9.97
N HIS D 114 25.89 27.15 9.62
CA HIS D 114 25.88 28.47 10.26
C HIS D 114 26.69 29.37 9.32
N GLN D 115 25.98 30.14 8.49
CA GLN D 115 26.64 30.99 7.50
C GLN D 115 25.95 32.33 7.27
N TYR D 116 26.71 33.27 6.70
CA TYR D 116 26.22 34.62 6.42
C TYR D 116 26.51 35.08 4.99
N ALA D 117 25.77 36.09 4.54
CA ALA D 117 25.96 36.69 3.23
C ALA D 117 25.75 38.20 3.38
N TYR D 118 26.56 38.99 2.68
CA TYR D 118 26.41 40.44 2.72
C TYR D 118 26.09 40.87 1.28
N ASP D 119 24.97 41.57 1.13
CA ASP D 119 24.52 42.00 -0.19
C ASP D 119 24.54 40.84 -1.20
N GLY D 120 24.05 39.69 -0.76
CA GLY D 120 23.95 38.52 -1.63
C GLY D 120 25.20 37.69 -1.87
N LYS D 121 26.33 38.11 -1.31
CA LYS D 121 27.60 37.39 -1.49
C LYS D 121 28.01 36.66 -0.21
N ASP D 122 28.50 35.43 -0.36
CA ASP D 122 28.96 34.66 0.79
C ASP D 122 29.92 35.53 1.60
N TYR D 123 29.75 35.56 2.92
CA TYR D 123 30.63 36.34 3.79
C TYR D 123 31.45 35.39 4.68
N ILE D 124 30.77 34.59 5.50
CA ILE D 124 31.48 33.65 6.35
C ILE D 124 30.63 32.41 6.59
N ALA D 125 31.26 31.26 6.75
CA ALA D 125 30.53 30.01 6.97
C ALA D 125 31.31 28.97 7.75
N LEU D 126 30.60 28.25 8.61
CA LEU D 126 31.23 27.18 9.39
C LEU D 126 31.46 26.01 8.45
N LYS D 127 32.66 25.43 8.50
CA LYS D 127 32.97 24.30 7.63
C LYS D 127 32.36 23.02 8.20
N GLU D 128 32.39 21.96 7.39
CA GLU D 128 31.82 20.68 7.76
C GLU D 128 32.43 20.05 9.02
N ASP D 129 33.70 20.34 9.30
CA ASP D 129 34.32 19.77 10.49
C ASP D 129 33.82 20.42 11.78
N LEU D 130 32.98 21.43 11.63
CA LEU D 130 32.41 22.15 12.76
C LEU D 130 33.47 22.77 13.68
N ARG D 131 34.68 22.99 13.16
CA ARG D 131 35.76 23.57 13.95
C ARG D 131 36.49 24.73 13.26
N SER D 132 36.25 24.92 11.97
CA SER D 132 36.90 25.99 11.25
C SER D 132 35.94 26.85 10.42
N TRP D 133 36.43 28.01 9.99
CA TRP D 133 35.63 28.96 9.23
C TRP D 133 36.15 29.26 7.83
N THR D 134 35.22 29.52 6.91
CA THR D 134 35.58 29.89 5.54
C THR D 134 35.28 31.38 5.39
N ALA D 135 36.31 32.16 5.03
CA ALA D 135 36.18 33.60 4.83
C ALA D 135 36.83 33.94 3.50
N ALA D 136 36.07 34.54 2.59
CA ALA D 136 36.58 34.88 1.27
C ALA D 136 37.42 36.15 1.17
N ASP D 137 37.00 37.21 1.85
CA ASP D 137 37.75 38.46 1.75
C ASP D 137 38.40 38.94 3.05
N MET D 138 39.12 40.05 2.96
CA MET D 138 39.80 40.64 4.12
C MET D 138 38.85 40.91 5.27
N ALA D 139 37.70 41.48 4.94
CA ALA D 139 36.70 41.79 5.95
C ALA D 139 36.27 40.52 6.66
N ALA D 140 35.91 39.50 5.90
CA ALA D 140 35.48 38.24 6.47
C ALA D 140 36.54 37.68 7.42
N GLN D 141 37.82 37.78 7.06
CA GLN D 141 38.89 37.28 7.93
C GLN D 141 38.93 38.00 9.28
N THR D 142 38.53 39.28 9.30
CA THR D 142 38.52 40.04 10.56
C THR D 142 37.48 39.42 11.49
N THR D 143 36.33 39.06 10.93
CA THR D 143 35.28 38.43 11.71
C THR D 143 35.76 37.05 12.15
N LYS D 144 36.42 36.33 11.24
CA LYS D 144 36.89 34.99 11.57
C LYS D 144 37.82 35.06 12.78
N HIS D 145 38.77 35.99 12.74
CA HIS D 145 39.71 36.12 13.85
C HIS D 145 38.98 36.38 15.17
N LYS D 146 37.97 37.25 15.15
CA LYS D 146 37.23 37.54 16.37
C LYS D 146 36.57 36.28 16.91
N TRP D 147 35.98 35.52 16.02
CA TRP D 147 35.30 34.29 16.40
C TRP D 147 36.24 33.18 16.86
N GLU D 148 37.46 33.15 16.33
CA GLU D 148 38.41 32.14 16.75
C GLU D 148 38.85 32.45 18.17
N ALA D 149 39.08 33.73 18.45
CA ALA D 149 39.53 34.16 19.77
C ALA D 149 38.42 33.97 20.81
N ALA D 150 37.18 34.07 20.39
CA ALA D 150 36.05 33.92 21.29
C ALA D 150 35.51 32.49 21.35
N HIS D 151 36.16 31.57 20.65
CA HIS D 151 35.74 30.16 20.63
C HIS D 151 34.27 30.02 20.28
N VAL D 152 33.86 30.71 19.23
CA VAL D 152 32.47 30.67 18.79
C VAL D 152 32.11 29.30 18.22
N ALA D 153 33.00 28.74 17.40
CA ALA D 153 32.74 27.43 16.79
C ALA D 153 32.41 26.35 17.82
N GLU D 154 33.12 26.35 18.94
CA GLU D 154 32.87 25.34 19.98
C GLU D 154 31.48 25.45 20.59
N GLN D 155 31.07 26.67 20.93
CA GLN D 155 29.75 26.89 21.51
C GLN D 155 28.69 26.51 20.48
N LEU D 156 28.93 26.90 19.24
CA LEU D 156 28.03 26.62 18.14
C LEU D 156 27.87 25.11 17.91
N ARG D 157 28.99 24.39 18.00
CA ARG D 157 28.96 22.94 17.80
C ARG D 157 28.06 22.22 18.81
N ALA D 158 28.08 22.69 20.06
CA ALA D 158 27.26 22.10 21.11
C ALA D 158 25.79 22.31 20.78
N TYR D 159 25.47 23.43 20.15
CA TYR D 159 24.09 23.71 19.77
C TYR D 159 23.66 22.84 18.60
N LEU D 160 24.48 22.81 17.56
CA LEU D 160 24.16 22.05 16.35
C LEU D 160 24.01 20.55 16.56
N GLU D 161 24.87 19.95 17.38
CA GLU D 161 24.82 18.52 17.63
C GLU D 161 23.89 18.11 18.77
N GLY D 162 23.63 19.04 19.68
CA GLY D 162 22.77 18.74 20.80
C GLY D 162 21.40 19.42 20.73
N THR D 163 21.33 20.64 21.24
CA THR D 163 20.10 21.42 21.27
C THR D 163 19.30 21.39 19.96
N CYS D 164 19.95 21.68 18.83
CA CYS D 164 19.26 21.72 17.55
C CYS D 164 18.56 20.39 17.21
N VAL D 165 19.27 19.28 17.37
CA VAL D 165 18.71 17.97 17.07
C VAL D 165 17.62 17.59 18.06
N GLU D 166 17.82 17.93 19.33
CA GLU D 166 16.85 17.63 20.37
C GLU D 166 15.50 18.30 20.09
N TRP D 167 15.51 19.58 19.73
CA TRP D 167 14.27 20.28 19.44
C TRP D 167 13.63 19.76 18.15
N LEU D 168 14.46 19.47 17.15
CA LEU D 168 13.95 18.95 15.89
C LEU D 168 13.18 17.66 16.16
N ARG D 169 13.75 16.77 16.96
CA ARG D 169 13.08 15.51 17.28
C ARG D 169 11.75 15.79 17.99
N ARG D 170 11.77 16.74 18.92
CA ARG D 170 10.55 17.09 19.65
C ARG D 170 9.47 17.58 18.70
N TYR D 171 9.84 18.48 17.79
CA TYR D 171 8.87 19.01 16.84
C TYR D 171 8.33 17.93 15.92
N LEU D 172 9.19 17.02 15.49
CA LEU D 172 8.79 15.92 14.62
C LEU D 172 7.73 15.07 15.31
N GLU D 173 7.90 14.85 16.60
CA GLU D 173 6.95 14.07 17.38
C GLU D 173 5.65 14.83 17.58
N ASN D 174 5.74 16.02 18.15
CA ASN D 174 4.55 16.83 18.41
C ASN D 174 3.71 17.16 17.19
N GLY D 175 4.35 17.32 16.04
CA GLY D 175 3.61 17.63 14.83
C GLY D 175 3.71 16.49 13.82
N LYS D 176 3.77 15.27 14.31
CA LYS D 176 3.92 14.11 13.46
C LYS D 176 2.86 13.95 12.37
N GLU D 177 1.63 14.34 12.66
CA GLU D 177 0.56 14.22 11.68
C GLU D 177 0.84 14.97 10.38
N THR D 178 1.60 16.07 10.46
CA THR D 178 1.92 16.82 9.26
C THR D 178 3.39 16.70 8.85
N LEU D 179 4.29 16.73 9.83
CA LEU D 179 5.72 16.64 9.54
C LEU D 179 6.22 15.25 9.16
N GLN D 180 5.61 14.20 9.71
CA GLN D 180 6.02 12.84 9.41
C GLN D 180 5.13 12.19 8.36
N ARG D 181 4.38 13.00 7.64
CA ARG D 181 3.50 12.46 6.63
C ARG D 181 4.14 12.60 5.25
N THR D 182 3.76 11.66 4.40
CA THR D 182 4.26 11.62 3.04
C THR D 182 3.05 11.66 2.10
N ASP D 183 2.94 12.73 1.31
CA ASP D 183 1.83 12.83 0.38
C ASP D 183 2.39 12.58 -1.02
N ALA D 184 2.07 11.43 -1.60
CA ALA D 184 2.55 11.10 -2.94
C ALA D 184 1.91 12.04 -3.95
N PRO D 185 2.64 12.39 -5.02
CA PRO D 185 2.03 13.29 -6.01
C PRO D 185 0.87 12.67 -6.78
N LYS D 186 -0.12 13.50 -7.10
CA LYS D 186 -1.25 13.07 -7.91
C LYS D 186 -0.82 13.58 -9.28
N THR D 187 -0.79 12.68 -10.26
CA THR D 187 -0.32 13.03 -11.59
C THR D 187 -1.31 12.96 -12.74
N HIS D 188 -1.01 13.70 -13.81
CA HIS D 188 -1.80 13.71 -15.03
C HIS D 188 -1.03 14.47 -16.11
N MET D 189 -1.46 14.32 -17.37
CA MET D 189 -0.82 14.99 -18.50
C MET D 189 -1.87 15.80 -19.24
N THR D 190 -1.42 16.83 -19.94
CA THR D 190 -2.28 17.66 -20.77
C THR D 190 -1.64 17.69 -22.15
N HIS D 191 -2.48 17.85 -23.17
CA HIS D 191 -2.03 17.88 -24.56
C HIS D 191 -2.64 19.10 -25.24
N HIS D 192 -1.81 19.94 -25.84
CA HIS D 192 -2.31 21.13 -26.51
C HIS D 192 -1.60 21.37 -27.83
N ALA D 193 -2.37 21.45 -28.91
CA ALA D 193 -1.80 21.69 -30.23
C ALA D 193 -1.37 23.15 -30.32
N VAL D 194 -0.11 23.39 -30.67
CA VAL D 194 0.39 24.75 -30.79
C VAL D 194 0.35 25.16 -32.25
N SER D 195 0.22 24.17 -33.12
CA SER D 195 0.14 24.39 -34.57
C SER D 195 -0.48 23.14 -35.16
N ASP D 196 -0.37 22.98 -36.48
CA ASP D 196 -0.95 21.80 -37.12
C ASP D 196 0.04 20.64 -37.26
N HIS D 197 1.23 20.81 -36.72
CA HIS D 197 2.24 19.74 -36.79
C HIS D 197 3.08 19.67 -35.52
N GLU D 198 2.64 20.33 -34.46
CA GLU D 198 3.38 20.34 -33.20
C GLU D 198 2.42 20.48 -32.03
N ALA D 199 2.69 19.77 -30.93
CA ALA D 199 1.83 19.84 -29.77
C ALA D 199 2.63 19.79 -28.47
N THR D 200 2.11 20.43 -27.43
CA THR D 200 2.78 20.45 -26.14
C THR D 200 2.23 19.38 -25.21
N LEU D 201 3.12 18.58 -24.63
CA LEU D 201 2.73 17.55 -23.67
C LEU D 201 3.27 18.05 -22.33
N ARG D 202 2.39 18.22 -21.34
CA ARG D 202 2.82 18.71 -20.03
C ARG D 202 2.50 17.65 -18.97
N CYS D 203 3.50 17.32 -18.17
CA CYS D 203 3.35 16.33 -17.12
C CYS D 203 3.23 17.03 -15.78
N TRP D 204 2.16 16.74 -15.05
CA TRP D 204 1.89 17.36 -13.75
C TRP D 204 2.05 16.51 -12.50
N ALA D 205 2.60 17.11 -11.44
CA ALA D 205 2.74 16.46 -10.14
C ALA D 205 2.09 17.44 -9.16
N LEU D 206 1.03 17.01 -8.49
CA LEU D 206 0.31 17.89 -7.58
C LEU D 206 0.08 17.34 -6.17
N SER D 207 -0.12 18.25 -5.23
CA SER D 207 -0.43 17.92 -3.85
C SER D 207 0.55 16.97 -3.16
N PHE D 208 1.85 17.19 -3.37
CA PHE D 208 2.84 16.31 -2.74
C PHE D 208 3.62 16.95 -1.60
N TYR D 209 4.20 16.09 -0.75
CA TYR D 209 5.00 16.52 0.40
C TYR D 209 5.88 15.33 0.80
N PRO D 210 7.18 15.57 1.06
CA PRO D 210 7.90 16.84 1.03
C PRO D 210 8.10 17.37 -0.38
N ALA D 211 8.74 18.53 -0.49
CA ALA D 211 8.99 19.21 -1.75
C ALA D 211 9.93 18.51 -2.73
N GLU D 212 10.89 17.75 -2.22
CA GLU D 212 11.85 17.06 -3.07
C GLU D 212 11.16 16.14 -4.06
N ILE D 213 11.51 16.29 -5.34
CA ILE D 213 10.89 15.46 -6.38
C ILE D 213 11.70 15.54 -7.66
N THR D 214 11.58 14.51 -8.51
CA THR D 214 12.29 14.49 -9.79
C THR D 214 11.27 14.21 -10.89
N LEU D 215 11.18 15.12 -11.86
CA LEU D 215 10.25 15.01 -12.99
C LEU D 215 11.03 15.10 -14.28
N THR D 216 10.90 14.10 -15.14
CA THR D 216 11.64 14.09 -16.40
C THR D 216 10.84 13.56 -17.58
N TRP D 217 11.24 13.95 -18.79
CA TRP D 217 10.62 13.45 -20.01
C TRP D 217 11.72 12.70 -20.74
N GLN D 218 11.35 11.62 -21.42
CA GLN D 218 12.27 10.80 -22.20
C GLN D 218 11.63 10.52 -23.57
N ARG D 219 12.45 10.34 -24.60
CA ARG D 219 11.97 10.00 -25.93
C ARG D 219 12.67 8.68 -26.27
N ASP D 220 11.88 7.63 -26.48
CA ASP D 220 12.47 6.31 -26.74
C ASP D 220 13.35 5.95 -25.53
N GLY D 221 12.98 6.44 -24.36
CA GLY D 221 13.77 6.13 -23.18
C GLY D 221 15.05 6.94 -22.98
N GLU D 222 15.35 7.87 -23.89
CA GLU D 222 16.55 8.71 -23.73
C GLU D 222 16.16 10.07 -23.16
N ASP D 223 16.98 10.59 -22.26
CA ASP D 223 16.67 11.87 -21.62
C ASP D 223 16.55 13.02 -22.62
N GLN D 224 15.65 13.94 -22.32
CA GLN D 224 15.36 15.09 -23.17
C GLN D 224 15.53 16.38 -22.36
N THR D 225 16.49 16.36 -21.43
CA THR D 225 16.74 17.51 -20.57
C THR D 225 16.79 18.87 -21.27
N GLN D 226 17.57 18.96 -22.34
CA GLN D 226 17.69 20.23 -23.04
C GLN D 226 16.45 20.66 -23.81
N ASP D 227 15.52 19.74 -24.04
CA ASP D 227 14.30 20.07 -24.76
C ASP D 227 13.09 20.13 -23.84
N THR D 228 13.34 20.00 -22.53
CA THR D 228 12.26 20.02 -21.57
C THR D 228 12.18 21.33 -20.79
N GLU D 229 10.98 21.89 -20.68
CA GLU D 229 10.80 23.11 -19.90
C GLU D 229 10.35 22.60 -18.53
N LEU D 230 11.14 22.91 -17.51
CA LEU D 230 10.84 22.46 -16.16
C LEU D 230 10.70 23.68 -15.26
N VAL D 231 9.59 23.79 -14.55
CA VAL D 231 9.42 24.94 -13.66
C VAL D 231 9.88 24.60 -12.25
N GLU D 232 10.19 25.64 -11.49
CA GLU D 232 10.63 25.44 -10.13
C GLU D 232 9.48 24.87 -9.30
N THR D 233 9.79 23.97 -8.38
CA THR D 233 8.79 23.38 -7.50
C THR D 233 8.17 24.55 -6.74
N ARG D 234 6.85 24.59 -6.66
CA ARG D 234 6.14 25.72 -6.03
C ARG D 234 5.14 25.30 -4.97
N PRO D 235 4.92 26.16 -3.97
CA PRO D 235 3.98 25.89 -2.88
C PRO D 235 2.53 26.08 -3.30
N ALA D 236 1.66 25.14 -2.94
CA ALA D 236 0.24 25.25 -3.26
C ALA D 236 -0.45 26.20 -2.28
N GLY D 237 0.14 26.36 -1.11
CA GLY D 237 -0.44 27.24 -0.10
C GLY D 237 -1.13 26.51 1.03
N ASP D 238 -1.34 25.21 0.85
CA ASP D 238 -2.01 24.38 1.84
C ASP D 238 -1.05 23.40 2.49
N GLY D 239 0.25 23.63 2.32
CA GLY D 239 1.23 22.72 2.91
C GLY D 239 1.80 21.72 1.92
N THR D 240 1.26 21.68 0.70
CA THR D 240 1.75 20.75 -0.32
C THR D 240 2.45 21.51 -1.44
N PHE D 241 3.07 20.78 -2.37
CA PHE D 241 3.80 21.40 -3.47
C PHE D 241 3.34 20.92 -4.85
N GLN D 242 3.75 21.65 -5.89
CA GLN D 242 3.40 21.33 -7.27
C GLN D 242 4.61 21.50 -8.18
N LYS D 243 4.57 20.86 -9.35
CA LYS D 243 5.63 20.97 -10.35
C LYS D 243 5.16 20.40 -11.68
N TRP D 244 5.69 20.92 -12.78
CA TRP D 244 5.36 20.35 -14.09
C TRP D 244 6.55 20.44 -15.03
N ALA D 245 6.54 19.57 -16.05
CA ALA D 245 7.58 19.51 -17.06
C ALA D 245 6.88 19.37 -18.41
N ALA D 246 7.35 20.10 -19.42
CA ALA D 246 6.72 20.02 -20.73
C ALA D 246 7.72 19.89 -21.87
N VAL D 247 7.26 19.28 -22.96
CA VAL D 247 8.06 19.10 -24.16
C VAL D 247 7.13 19.31 -25.34
N VAL D 248 7.66 19.91 -26.41
CA VAL D 248 6.87 20.15 -27.61
C VAL D 248 7.19 18.97 -28.52
N VAL D 249 6.15 18.24 -28.90
CA VAL D 249 6.27 17.04 -29.72
C VAL D 249 5.70 17.16 -31.13
N PRO D 250 6.38 16.57 -32.13
CA PRO D 250 5.85 16.64 -33.50
C PRO D 250 4.56 15.83 -33.51
N SER D 251 3.47 16.40 -34.02
CA SER D 251 2.20 15.68 -34.05
C SER D 251 2.41 14.30 -34.66
N GLY D 252 2.01 13.26 -33.93
CA GLY D 252 2.18 11.91 -34.43
C GLY D 252 3.21 11.09 -33.66
N GLN D 253 4.06 11.75 -32.89
CA GLN D 253 5.09 11.05 -32.13
C GLN D 253 4.82 10.98 -30.62
N GLU D 254 3.59 11.33 -30.20
CA GLU D 254 3.24 11.31 -28.79
C GLU D 254 3.65 10.01 -28.08
N GLN D 255 3.40 8.87 -28.71
CA GLN D 255 3.71 7.58 -28.12
C GLN D 255 5.19 7.33 -27.84
N ARG D 256 6.07 8.17 -28.38
CA ARG D 256 7.51 7.98 -28.17
C ARG D 256 7.98 8.56 -26.84
N TYR D 257 7.15 9.42 -26.26
CA TYR D 257 7.53 10.09 -25.02
C TYR D 257 6.96 9.51 -23.74
N THR D 258 7.76 9.54 -22.68
CA THR D 258 7.33 9.06 -21.38
C THR D 258 7.72 10.04 -20.29
N CYS D 259 6.82 10.24 -19.33
CA CYS D 259 7.12 11.13 -18.21
C CYS D 259 7.47 10.24 -17.02
N HIS D 260 8.54 10.58 -16.31
CA HIS D 260 8.99 9.78 -15.17
C HIS D 260 8.91 10.60 -13.88
N VAL D 261 8.34 10.01 -12.84
CA VAL D 261 8.18 10.70 -11.57
C VAL D 261 8.79 9.91 -10.41
N GLN D 262 9.64 10.58 -9.64
CA GLN D 262 10.29 9.99 -8.49
C GLN D 262 9.95 10.83 -7.27
N HIS D 263 9.43 10.18 -6.22
CA HIS D 263 9.08 10.89 -4.99
C HIS D 263 9.07 9.89 -3.84
N GLU D 264 9.41 10.36 -2.65
CA GLU D 264 9.45 9.49 -1.47
C GLU D 264 8.10 8.83 -1.15
N GLY D 265 7.01 9.49 -1.51
CA GLY D 265 5.70 8.93 -1.24
C GLY D 265 5.21 7.89 -2.21
N LEU D 266 6.00 7.62 -3.25
CA LEU D 266 5.60 6.62 -4.24
C LEU D 266 6.21 5.27 -3.92
N PRO D 267 5.39 4.21 -3.94
CA PRO D 267 5.93 2.88 -3.64
C PRO D 267 6.95 2.44 -4.70
N LYS D 268 6.84 3.04 -5.89
CA LYS D 268 7.73 2.74 -7.02
C LYS D 268 7.69 3.94 -7.98
N PRO D 269 8.78 4.19 -8.71
CA PRO D 269 8.80 5.32 -9.66
C PRO D 269 7.69 5.16 -10.70
N LEU D 270 7.09 6.27 -11.10
CA LEU D 270 6.02 6.24 -12.09
C LEU D 270 6.52 6.53 -13.50
N THR D 271 5.90 5.88 -14.47
CA THR D 271 6.22 6.08 -15.88
C THR D 271 4.89 6.29 -16.59
N LEU D 272 4.67 7.50 -17.09
CA LEU D 272 3.43 7.85 -17.76
C LEU D 272 3.66 8.06 -19.26
N ARG D 273 2.65 7.73 -20.06
CA ARG D 273 2.75 7.85 -21.51
C ARG D 273 1.40 8.29 -22.07
N TRP D 274 1.38 9.24 -22.99
CA TRP D 274 0.12 9.69 -23.58
C TRP D 274 -0.32 8.65 -24.61
N GLU D 275 -1.44 8.00 -24.36
CA GLU D 275 -1.97 6.97 -25.24
C GLU D 275 -3.46 6.73 -24.97
N MET E 1 26.68 46.07 -6.86
CA MET E 1 26.07 45.12 -5.91
C MET E 1 25.28 44.05 -6.67
N ILE E 2 25.18 42.86 -6.08
CA ILE E 2 24.46 41.77 -6.71
C ILE E 2 22.98 42.13 -6.94
N GLN E 3 22.46 41.75 -8.12
CA GLN E 3 21.07 41.99 -8.48
C GLN E 3 20.59 40.78 -9.30
N ARG E 4 19.61 40.06 -8.79
CA ARG E 4 19.07 38.89 -9.50
C ARG E 4 17.59 39.08 -9.79
N THR E 5 17.21 38.75 -11.02
CA THR E 5 15.82 38.92 -11.46
C THR E 5 14.90 37.84 -10.92
N PRO E 6 13.68 38.23 -10.51
CA PRO E 6 12.76 37.23 -9.99
C PRO E 6 12.13 36.34 -11.06
N LYS E 7 11.98 35.07 -10.74
CA LYS E 7 11.31 34.12 -11.62
C LYS E 7 9.88 34.31 -11.16
N ILE E 8 8.92 34.19 -12.08
CA ILE E 8 7.52 34.40 -11.74
C ILE E 8 6.60 33.30 -12.25
N GLN E 9 5.75 32.78 -11.36
CA GLN E 9 4.77 31.76 -11.75
C GLN E 9 3.40 32.15 -11.18
N VAL E 10 2.37 32.16 -12.03
CA VAL E 10 1.01 32.50 -11.60
C VAL E 10 0.19 31.24 -11.78
N TYR E 11 -0.48 30.79 -10.73
CA TYR E 11 -1.25 29.55 -10.80
C TYR E 11 -2.27 29.42 -9.68
N SER E 12 -3.16 28.43 -9.79
CA SER E 12 -4.16 28.20 -8.75
C SER E 12 -3.75 27.05 -7.83
N ARG E 13 -4.22 27.08 -6.59
CA ARG E 13 -3.89 26.03 -5.61
C ARG E 13 -4.45 24.69 -6.05
N HIS E 14 -5.70 24.70 -6.52
CA HIS E 14 -6.37 23.50 -6.99
C HIS E 14 -6.66 23.63 -8.47
N PRO E 15 -6.88 22.51 -9.17
CA PRO E 15 -7.16 22.62 -10.60
C PRO E 15 -8.38 23.54 -10.74
N ALA E 16 -8.34 24.46 -11.70
CA ALA E 16 -9.43 25.40 -11.87
C ALA E 16 -10.73 24.81 -12.39
N GLU E 17 -11.81 25.09 -11.68
CA GLU E 17 -13.15 24.62 -12.05
C GLU E 17 -14.06 25.84 -11.89
N ASN E 18 -14.67 26.27 -12.98
CA ASN E 18 -15.54 27.44 -12.93
C ASN E 18 -16.62 27.33 -11.85
N GLY E 19 -16.80 28.41 -11.10
CA GLY E 19 -17.79 28.43 -10.04
C GLY E 19 -17.40 27.80 -8.71
N LYS E 20 -16.18 27.27 -8.61
CA LYS E 20 -15.74 26.66 -7.36
C LYS E 20 -14.61 27.46 -6.71
N SER E 21 -14.72 27.69 -5.40
CA SER E 21 -13.74 28.46 -4.64
C SER E 21 -12.33 27.88 -4.80
N ASN E 22 -11.33 28.75 -4.75
CA ASN E 22 -9.94 28.34 -4.96
C ASN E 22 -9.05 29.46 -4.43
N PHE E 23 -7.75 29.36 -4.72
CA PHE E 23 -6.79 30.40 -4.34
C PHE E 23 -5.92 30.68 -5.57
N LEU E 24 -5.67 31.96 -5.84
CA LEU E 24 -4.84 32.37 -6.96
C LEU E 24 -3.49 32.72 -6.34
N ASN E 25 -2.43 32.11 -6.86
CA ASN E 25 -1.08 32.33 -6.37
C ASN E 25 -0.12 32.96 -7.37
N CYS E 26 0.84 33.70 -6.84
CA CYS E 26 1.91 34.27 -7.64
C CYS E 26 3.15 34.02 -6.80
N TYR E 27 4.02 33.15 -7.29
CA TYR E 27 5.25 32.80 -6.58
C TYR E 27 6.44 33.50 -7.25
N VAL E 28 7.17 34.31 -6.48
CA VAL E 28 8.34 35.00 -7.00
C VAL E 28 9.55 34.43 -6.27
N SER E 29 10.58 34.06 -7.01
CA SER E 29 11.77 33.47 -6.40
C SER E 29 13.05 33.81 -7.16
N GLY E 30 14.18 33.51 -6.52
CA GLY E 30 15.49 33.75 -7.12
C GLY E 30 15.92 35.19 -7.28
N PHE E 31 15.28 36.11 -6.54
CA PHE E 31 15.64 37.52 -6.67
C PHE E 31 16.49 38.10 -5.53
N HIS E 32 17.10 39.25 -5.80
CA HIS E 32 17.94 39.94 -4.83
C HIS E 32 18.18 41.35 -5.41
N PRO E 33 18.04 42.40 -4.59
CA PRO E 33 17.68 42.44 -3.16
C PRO E 33 16.23 42.04 -2.89
N SER E 34 15.82 42.06 -1.62
CA SER E 34 14.47 41.64 -1.22
C SER E 34 13.33 42.59 -1.56
N ASP E 35 13.66 43.85 -1.81
CA ASP E 35 12.68 44.87 -2.16
C ASP E 35 11.91 44.43 -3.41
N ILE E 36 10.59 44.29 -3.31
CA ILE E 36 9.82 43.85 -4.48
C ILE E 36 8.34 44.22 -4.36
N GLU E 37 7.70 44.45 -5.51
CA GLU E 37 6.29 44.78 -5.55
C GLU E 37 5.56 43.69 -6.32
N VAL E 38 4.53 43.10 -5.72
CA VAL E 38 3.77 42.06 -6.40
C VAL E 38 2.27 42.30 -6.27
N ASP E 39 1.58 42.35 -7.40
CA ASP E 39 0.15 42.56 -7.40
C ASP E 39 -0.56 41.48 -8.20
N LEU E 40 -1.77 41.14 -7.80
CA LEU E 40 -2.58 40.18 -8.55
C LEU E 40 -3.66 41.03 -9.19
N LEU E 41 -3.96 40.77 -10.47
CA LEU E 41 -4.96 41.56 -11.20
C LEU E 41 -6.14 40.73 -11.71
N LYS E 42 -7.34 41.32 -11.64
CA LYS E 42 -8.56 40.68 -12.12
C LYS E 42 -9.08 41.58 -13.23
N ASN E 43 -9.03 41.09 -14.46
CA ASN E 43 -9.46 41.87 -15.62
C ASN E 43 -8.79 43.24 -15.63
N GLY E 44 -7.51 43.27 -15.25
CA GLY E 44 -6.77 44.52 -15.27
C GLY E 44 -6.76 45.34 -13.98
N GLU E 45 -7.66 45.02 -13.04
CA GLU E 45 -7.75 45.74 -11.77
C GLU E 45 -7.02 45.07 -10.61
N ARG E 46 -6.25 45.85 -9.87
CA ARG E 46 -5.49 45.35 -8.72
C ARG E 46 -6.40 44.84 -7.62
N ILE E 47 -6.24 43.58 -7.26
CA ILE E 47 -7.04 42.96 -6.20
C ILE E 47 -6.50 43.49 -4.87
N GLU E 48 -7.38 43.95 -3.98
CA GLU E 48 -6.92 44.49 -2.71
C GLU E 48 -6.67 43.49 -1.58
N LYS E 49 -7.42 42.39 -1.56
CA LYS E 49 -7.25 41.42 -0.49
C LYS E 49 -6.18 40.38 -0.83
N VAL E 50 -4.93 40.82 -0.89
CA VAL E 50 -3.82 39.91 -1.20
C VAL E 50 -2.84 39.79 -0.04
N GLU E 51 -2.55 38.56 0.36
CA GLU E 51 -1.61 38.32 1.46
C GLU E 51 -0.34 37.68 0.88
N HIS E 52 0.70 37.61 1.71
CA HIS E 52 1.95 36.99 1.25
C HIS E 52 2.67 36.30 2.40
N SER E 53 3.52 35.33 2.05
CA SER E 53 4.29 34.57 3.03
C SER E 53 5.36 35.44 3.66
N ASP E 54 5.94 34.96 4.75
CA ASP E 54 6.99 35.69 5.44
C ASP E 54 8.28 35.53 4.62
N LEU E 55 9.00 36.63 4.44
CA LEU E 55 10.23 36.61 3.66
C LEU E 55 11.22 35.52 4.08
N SER E 56 11.65 34.70 3.12
CA SER E 56 12.62 33.64 3.36
C SER E 56 13.57 33.56 2.15
N PHE E 57 14.57 32.69 2.22
CA PHE E 57 15.51 32.56 1.11
C PHE E 57 16.08 31.16 0.93
N SER E 58 16.63 30.91 -0.26
CA SER E 58 17.19 29.59 -0.60
C SER E 58 18.66 29.47 -0.21
N LYS E 59 19.21 28.27 -0.41
CA LYS E 59 20.60 28.02 -0.06
C LYS E 59 21.57 28.99 -0.73
N ASP E 60 21.25 29.42 -1.96
CA ASP E 60 22.12 30.35 -2.67
C ASP E 60 21.85 31.81 -2.29
N TRP E 61 21.09 32.00 -1.22
CA TRP E 61 20.74 33.32 -0.68
C TRP E 61 19.65 34.11 -1.43
N SER E 62 19.13 33.57 -2.55
CA SER E 62 18.09 34.30 -3.28
C SER E 62 16.76 34.20 -2.53
N PHE E 63 15.98 35.29 -2.57
CA PHE E 63 14.70 35.36 -1.86
C PHE E 63 13.51 34.76 -2.58
N TYR E 64 12.48 34.38 -1.82
CA TYR E 64 11.25 33.86 -2.42
C TYR E 64 10.06 34.25 -1.54
N LEU E 65 8.93 34.50 -2.20
CA LEU E 65 7.69 34.88 -1.52
C LEU E 65 6.50 34.33 -2.30
N LEU E 66 5.42 34.02 -1.58
CA LEU E 66 4.20 33.56 -2.21
C LEU E 66 3.12 34.59 -1.88
N TYR E 67 2.49 35.16 -2.91
CA TYR E 67 1.42 36.12 -2.75
C TYR E 67 0.17 35.33 -3.13
N TYR E 68 -0.93 35.52 -2.42
CA TYR E 68 -2.14 34.75 -2.70
C TYR E 68 -3.43 35.42 -2.24
N THR E 69 -4.54 34.99 -2.86
CA THR E 69 -5.85 35.54 -2.51
C THR E 69 -6.93 34.54 -2.90
N GLU E 70 -8.05 34.56 -2.17
CA GLU E 70 -9.15 33.67 -2.47
C GLU E 70 -9.84 34.13 -3.76
N PHE E 71 -10.27 33.20 -4.59
CA PHE E 71 -10.99 33.56 -5.81
C PHE E 71 -11.78 32.39 -6.35
N THR E 72 -12.81 32.71 -7.15
CA THR E 72 -13.64 31.69 -7.77
C THR E 72 -13.55 31.94 -9.27
N PRO E 73 -12.80 31.10 -9.99
CA PRO E 73 -12.65 31.27 -11.43
C PRO E 73 -13.95 31.13 -12.22
N THR E 74 -14.02 31.91 -13.30
CA THR E 74 -15.16 31.95 -14.20
C THR E 74 -14.60 31.69 -15.60
N GLU E 75 -15.46 31.37 -16.55
CA GLU E 75 -14.98 31.11 -17.91
C GLU E 75 -14.42 32.37 -18.59
N LYS E 76 -14.99 33.52 -18.26
CA LYS E 76 -14.57 34.78 -18.89
C LYS E 76 -13.55 35.65 -18.15
N ASP E 77 -13.55 35.61 -16.82
CA ASP E 77 -12.60 36.44 -16.07
C ASP E 77 -11.15 36.05 -16.32
N GLU E 78 -10.29 37.04 -16.50
CA GLU E 78 -8.87 36.76 -16.71
C GLU E 78 -8.08 37.36 -15.56
N TYR E 79 -7.04 36.65 -15.15
CA TYR E 79 -6.19 37.07 -14.04
C TYR E 79 -4.73 37.17 -14.46
N ALA E 80 -3.94 37.88 -13.66
CA ALA E 80 -2.52 38.03 -13.96
C ALA E 80 -1.75 38.52 -12.73
N CYS E 81 -0.44 38.46 -12.82
CA CYS E 81 0.43 38.92 -11.74
C CYS E 81 1.34 39.98 -12.32
N ARG E 82 1.51 41.08 -11.60
CA ARG E 82 2.36 42.19 -12.03
C ARG E 82 3.48 42.33 -11.03
N VAL E 83 4.71 42.30 -11.53
CA VAL E 83 5.87 42.40 -10.65
C VAL E 83 6.83 43.51 -11.04
N ASN E 84 7.36 44.21 -10.04
CA ASN E 84 8.36 45.23 -10.30
C ASN E 84 9.51 45.00 -9.33
N HIS E 85 10.73 45.21 -9.80
CA HIS E 85 11.95 44.97 -9.02
C HIS E 85 13.05 45.79 -9.70
N VAL E 86 14.14 46.08 -9.00
CA VAL E 86 15.22 46.88 -9.60
C VAL E 86 15.79 46.31 -10.89
N THR E 87 15.66 45.01 -11.09
CA THR E 87 16.18 44.34 -12.27
C THR E 87 15.27 44.48 -13.49
N LEU E 88 14.08 45.04 -13.29
CA LEU E 88 13.11 45.18 -14.37
C LEU E 88 12.93 46.65 -14.76
N SER E 89 13.20 46.96 -16.03
CA SER E 89 13.07 48.33 -16.52
C SER E 89 11.60 48.73 -16.60
N GLN E 90 10.73 47.74 -16.65
CA GLN E 90 9.31 47.97 -16.74
C GLN E 90 8.59 46.87 -15.96
N PRO E 91 7.42 47.17 -15.38
CA PRO E 91 6.72 46.12 -14.65
C PRO E 91 6.50 44.91 -15.56
N LYS E 92 6.69 43.72 -15.02
CA LYS E 92 6.53 42.50 -15.78
C LYS E 92 5.17 41.89 -15.48
N ILE E 93 4.37 41.65 -16.52
CA ILE E 93 3.06 41.07 -16.35
C ILE E 93 2.98 39.67 -16.94
N VAL E 94 2.51 38.73 -16.13
CA VAL E 94 2.36 37.34 -16.56
C VAL E 94 0.90 36.94 -16.37
N LYS E 95 0.27 36.51 -17.45
CA LYS E 95 -1.14 36.12 -17.41
C LYS E 95 -1.35 34.71 -16.88
N TRP E 96 -2.45 34.52 -16.15
CA TRP E 96 -2.76 33.21 -15.61
C TRP E 96 -3.32 32.34 -16.74
N ASP E 97 -2.73 31.15 -16.88
CA ASP E 97 -3.15 30.18 -17.88
C ASP E 97 -3.50 28.97 -17.01
N ARG E 98 -4.77 28.62 -16.94
CA ARG E 98 -5.16 27.50 -16.08
C ARG E 98 -4.45 26.19 -16.40
N ASP E 99 -3.65 26.20 -17.46
CA ASP E 99 -2.91 25.02 -17.89
C ASP E 99 -1.42 25.12 -17.54
N MET E 100 -1.07 26.09 -16.68
CA MET E 100 0.33 26.28 -16.29
C MET E 100 0.49 26.59 -14.80
N ALA F 1 13.94 25.41 18.37
CA ALA F 1 14.30 26.58 19.24
C ALA F 1 15.60 27.24 18.81
N LEU F 2 15.69 28.55 19.03
CA LEU F 2 16.87 29.34 18.67
C LEU F 2 18.10 29.06 19.52
N TRP F 3 19.26 29.39 18.97
CA TRP F 3 20.52 29.25 19.70
C TRP F 3 20.54 30.46 20.65
N GLY F 4 20.79 30.21 21.93
CA GLY F 4 20.79 31.26 22.93
C GLY F 4 21.92 32.28 22.94
N PHE F 5 23.03 31.97 22.29
CA PHE F 5 24.19 32.86 22.24
C PHE F 5 24.19 33.51 20.86
N VAL F 6 24.43 34.82 20.80
CA VAL F 6 24.44 35.54 19.53
C VAL F 6 25.80 36.17 19.25
N PRO F 7 26.54 35.63 18.27
CA PRO F 7 27.85 36.18 17.92
C PRO F 7 27.71 37.50 17.19
N VAL F 8 28.78 38.28 17.17
CA VAL F 8 28.80 39.58 16.52
C VAL F 8 29.83 39.60 15.40
N LEU F 9 29.47 40.17 14.24
CA LEU F 9 30.39 40.25 13.11
C LEU F 9 31.55 41.22 13.40
#